data_1OS7
#
_entry.id   1OS7
#
_cell.length_a   92.594
_cell.length_b   118.855
_cell.length_c   118.832
_cell.angle_alpha   90.00
_cell.angle_beta   90.00
_cell.angle_gamma   90.00
#
_symmetry.space_group_name_H-M   'P 21 21 21'
#
loop_
_entity.id
_entity.type
_entity.pdbx_description
1 polymer 'Alpha-ketoglutarate-dependent taurine dioxygenase'
2 non-polymer 'FE (II) ION'
3 non-polymer '2-AMINOETHANESULFONIC ACID'
4 non-polymer '2-OXOGLUTARIC ACID'
5 water water
#
_entity_poly.entity_id   1
_entity_poly.type   'polypeptide(L)'
_entity_poly.pdbx_seq_one_letter_code
;MSERLSITPLGPYIGAQISGADLTRPLSDNQFEQLYHAVLRHQVVFLRDQAITPQQQRALAQRFGELHIHPVYPHAEGVD
EIIVLDTHNDNPPDNDNWHTDVTFIETPPAGAILAAKELPSTGGDTLWTSGIAAYEALSVPFRQLLSGLRAEHDFRKSFP
EYKYRKTEEEHQRWREAVAKNPPLLHPVVRTHPVSGKQALFVNEGFTTRIVDVSEKESEALLSFLFAHITKPEFQVRWRW
QPNDIAIWDNRVTQHYANADYLPQRRIMHRATILGDKPFYRAG
;
_entity_poly.pdbx_strand_id   A,B,C,D
#
loop_
_chem_comp.id
_chem_comp.type
_chem_comp.name
_chem_comp.formula
AKG non-polymer '2-OXOGLUTARIC ACID' 'C5 H6 O5'
FE2 non-polymer 'FE (II) ION' 'Fe 2'
TAU non-polymer '2-AMINOETHANESULFONIC ACID' 'C2 H7 N O3 S'
#
# COMPACT_ATOMS: atom_id res chain seq x y z
N SER A 2 23.05 -30.83 37.29
CA SER A 2 21.67 -30.50 36.83
C SER A 2 21.11 -31.61 35.96
N GLU A 3 20.14 -32.34 36.49
CA GLU A 3 19.50 -33.46 35.79
C GLU A 3 18.98 -33.10 34.39
N ARG A 4 17.92 -32.28 34.33
CA ARG A 4 17.34 -31.89 33.06
C ARG A 4 16.39 -30.69 33.25
N LEU A 5 15.85 -30.19 32.14
CA LEU A 5 14.94 -29.04 32.18
C LEU A 5 13.55 -29.33 31.61
N SER A 6 12.56 -28.63 32.14
N SER A 6 12.57 -28.62 32.15
CA SER A 6 11.18 -28.78 31.70
CA SER A 6 11.18 -28.76 31.70
C SER A 6 10.88 -27.71 30.65
C SER A 6 10.89 -27.70 30.64
N ILE A 7 10.87 -28.11 29.38
CA ILE A 7 10.62 -27.20 28.27
C ILE A 7 9.22 -27.38 27.67
N THR A 8 8.37 -26.38 27.88
CA THR A 8 6.99 -26.40 27.39
C THR A 8 6.76 -25.42 26.22
N PRO A 9 6.65 -25.95 24.98
CA PRO A 9 6.43 -25.11 23.80
C PRO A 9 5.09 -24.36 23.85
N LEU A 10 5.14 -23.04 23.70
CA LEU A 10 3.92 -22.23 23.75
C LEU A 10 3.30 -22.17 22.36
N GLY A 11 3.95 -22.84 21.41
CA GLY A 11 3.48 -22.87 20.04
C GLY A 11 4.31 -23.81 19.18
N PRO A 12 3.83 -24.17 17.97
CA PRO A 12 4.51 -25.06 17.03
C PRO A 12 5.73 -24.47 16.33
N TYR A 13 5.88 -23.16 16.38
CA TYR A 13 7.00 -22.52 15.68
C TYR A 13 7.94 -21.75 16.59
N ILE A 14 7.37 -20.97 17.50
CA ILE A 14 8.16 -20.15 18.39
C ILE A 14 7.49 -20.03 19.76
N GLY A 15 8.29 -20.16 20.81
CA GLY A 15 7.76 -20.07 22.15
C GLY A 15 8.17 -21.27 22.99
N ALA A 16 8.47 -21.00 24.26
CA ALA A 16 8.89 -22.05 25.18
C ALA A 16 9.08 -21.48 26.58
N GLN A 17 8.41 -22.11 27.55
CA GLN A 17 8.52 -21.71 28.96
C GLN A 17 9.32 -22.81 29.64
N ILE A 18 10.51 -22.46 30.15
CA ILE A 18 11.36 -23.42 30.80
C ILE A 18 11.45 -23.22 32.31
N SER A 19 11.66 -24.31 33.04
CA SER A 19 11.75 -24.25 34.49
C SER A 19 12.84 -25.19 34.99
N GLY A 20 13.05 -25.19 36.30
CA GLY A 20 14.07 -26.05 36.88
C GLY A 20 15.45 -25.57 36.49
N ALA A 21 15.66 -24.26 36.59
CA ALA A 21 16.94 -23.67 36.26
C ALA A 21 17.15 -22.38 37.04
N ASP A 22 17.73 -22.54 38.24
CA ASP A 22 18.03 -21.40 39.10
C ASP A 22 19.07 -20.55 38.35
N LEU A 23 18.67 -19.33 38.03
CA LEU A 23 19.55 -18.42 37.29
C LEU A 23 20.30 -17.42 38.17
N THR A 24 20.33 -17.66 39.48
CA THR A 24 21.06 -16.78 40.39
C THR A 24 22.48 -17.34 40.56
N ARG A 25 22.62 -18.65 40.34
CA ARG A 25 23.91 -19.30 40.45
C ARG A 25 24.23 -20.08 39.18
N PRO A 26 25.49 -20.05 38.72
CA PRO A 26 25.91 -20.76 37.50
C PRO A 26 25.25 -22.12 37.34
N LEU A 27 25.40 -22.72 36.16
CA LEU A 27 24.80 -24.02 35.89
C LEU A 27 25.85 -24.97 35.33
N SER A 28 25.53 -26.26 35.30
CA SER A 28 26.47 -27.26 34.79
C SER A 28 26.68 -27.12 33.30
N ASP A 29 27.02 -28.23 32.65
CA ASP A 29 27.26 -28.27 31.21
C ASP A 29 26.25 -29.16 30.50
N ASN A 30 25.40 -29.80 31.31
CA ASN A 30 24.35 -30.67 30.80
C ASN A 30 23.13 -29.77 30.66
N GLN A 31 23.08 -28.80 31.58
CA GLN A 31 22.00 -27.83 31.65
C GLN A 31 22.16 -26.76 30.59
N PHE A 32 23.37 -26.21 30.45
CA PHE A 32 23.61 -25.18 29.46
C PHE A 32 23.22 -25.74 28.10
N GLU A 33 23.92 -26.78 27.65
CA GLU A 33 23.64 -27.41 26.37
C GLU A 33 22.13 -27.36 26.07
N GLN A 34 21.33 -28.05 26.88
CA GLN A 34 19.89 -28.08 26.65
C GLN A 34 19.22 -26.70 26.68
N LEU A 35 19.63 -25.82 27.59
CA LEU A 35 19.03 -24.49 27.64
C LEU A 35 19.44 -23.72 26.39
N TYR A 36 20.69 -23.91 26.00
CA TYR A 36 21.23 -23.28 24.80
C TYR A 36 20.40 -23.77 23.61
N HIS A 37 20.33 -25.10 23.45
CA HIS A 37 19.57 -25.72 22.36
C HIS A 37 18.07 -25.52 22.50
N ALA A 38 17.65 -24.96 23.63
CA ALA A 38 16.24 -24.70 23.88
C ALA A 38 15.90 -23.39 23.17
N VAL A 39 16.79 -22.42 23.35
CA VAL A 39 16.64 -21.11 22.75
C VAL A 39 16.96 -21.22 21.26
N LEU A 40 17.81 -22.17 20.91
CA LEU A 40 18.18 -22.37 19.52
C LEU A 40 17.13 -23.25 18.84
N ARG A 41 16.16 -23.71 19.62
CA ARG A 41 15.12 -24.57 19.08
C ARG A 41 13.80 -23.82 18.98
N HIS A 42 13.40 -23.20 20.09
CA HIS A 42 12.14 -22.46 20.12
C HIS A 42 12.35 -20.96 19.85
N GLN A 43 13.56 -20.61 19.41
CA GLN A 43 13.91 -19.22 19.10
C GLN A 43 13.83 -18.26 20.29
N VAL A 44 12.84 -18.43 21.17
CA VAL A 44 12.74 -17.59 22.35
C VAL A 44 12.09 -18.37 23.51
N VAL A 45 12.84 -18.48 24.61
CA VAL A 45 12.38 -19.22 25.80
C VAL A 45 12.12 -18.29 26.98
N PHE A 46 11.25 -18.73 27.87
CA PHE A 46 10.89 -17.95 29.06
C PHE A 46 11.10 -18.71 30.37
N LEU A 47 11.90 -18.12 31.26
CA LEU A 47 12.21 -18.69 32.56
C LEU A 47 11.68 -17.74 33.65
N ARG A 48 10.81 -18.23 34.52
CA ARG A 48 10.22 -17.39 35.56
C ARG A 48 10.84 -17.52 36.96
N ASP A 49 10.56 -16.54 37.82
CA ASP A 49 11.08 -16.52 39.18
C ASP A 49 12.60 -16.63 39.20
N GLN A 50 13.28 -15.57 38.77
CA GLN A 50 14.75 -15.57 38.72
C GLN A 50 15.32 -14.20 39.08
N ALA A 51 14.89 -13.65 40.22
CA ALA A 51 15.36 -12.33 40.67
C ALA A 51 16.89 -12.25 40.74
N ILE A 52 17.52 -11.91 39.62
CA ILE A 52 18.98 -11.82 39.58
C ILE A 52 19.44 -10.40 39.28
N THR A 53 20.64 -10.07 39.74
CA THR A 53 21.21 -8.74 39.53
C THR A 53 22.09 -8.70 38.28
N PRO A 54 22.20 -7.51 37.64
CA PRO A 54 23.00 -7.27 36.43
C PRO A 54 24.25 -8.12 36.27
N GLN A 55 25.06 -8.20 37.34
CA GLN A 55 26.30 -8.98 37.28
C GLN A 55 25.95 -10.44 36.98
N GLN A 56 24.90 -10.94 37.62
CA GLN A 56 24.49 -12.31 37.41
C GLN A 56 24.03 -12.43 35.96
N GLN A 57 23.32 -11.40 35.50
CA GLN A 57 22.83 -11.38 34.13
C GLN A 57 24.00 -11.29 33.16
N ARG A 58 24.95 -10.40 33.45
CA ARG A 58 26.13 -10.23 32.60
C ARG A 58 26.96 -11.52 32.58
N ALA A 59 26.93 -12.25 33.70
CA ALA A 59 27.68 -13.49 33.83
C ALA A 59 27.26 -14.51 32.76
N LEU A 60 26.03 -14.98 32.87
CA LEU A 60 25.48 -15.97 31.94
C LEU A 60 25.55 -15.51 30.48
N ALA A 61 25.25 -14.23 30.25
CA ALA A 61 25.28 -13.68 28.90
C ALA A 61 26.67 -13.86 28.29
N GLN A 62 27.69 -13.82 29.14
CA GLN A 62 29.06 -13.99 28.65
C GLN A 62 29.38 -15.47 28.42
N ARG A 63 28.51 -16.35 28.89
CA ARG A 63 28.72 -17.77 28.69
C ARG A 63 28.36 -18.12 27.25
N PHE A 64 27.52 -17.29 26.62
CA PHE A 64 27.11 -17.50 25.24
C PHE A 64 28.12 -16.83 24.30
N GLY A 65 28.69 -15.72 24.75
CA GLY A 65 29.66 -15.02 23.91
C GLY A 65 29.93 -13.60 24.36
N GLU A 66 30.76 -12.90 23.59
CA GLU A 66 31.11 -11.52 23.89
C GLU A 66 29.86 -10.64 23.93
N LEU A 67 29.76 -9.75 24.91
CA LEU A 67 28.60 -8.88 25.02
C LEU A 67 28.83 -7.58 24.27
N HIS A 68 27.75 -6.89 23.92
CA HIS A 68 27.84 -5.64 23.18
C HIS A 68 27.32 -4.46 24.00
N ILE A 69 27.96 -3.30 23.82
CA ILE A 69 27.54 -2.12 24.56
C ILE A 69 26.78 -1.12 23.69
N HIS A 70 25.55 -0.82 24.11
CA HIS A 70 24.69 0.10 23.37
C HIS A 70 25.18 1.56 23.41
N PRO A 71 25.24 2.20 22.22
CA PRO A 71 25.69 3.58 22.01
C PRO A 71 24.80 4.74 22.49
N VAL A 72 23.53 4.47 22.84
CA VAL A 72 22.67 5.54 23.33
C VAL A 72 21.84 5.21 24.59
N TYR A 73 21.44 3.95 24.73
CA TYR A 73 20.65 3.54 25.89
C TYR A 73 21.46 3.55 27.19
N PRO A 74 20.86 4.10 28.28
CA PRO A 74 21.53 4.18 29.58
C PRO A 74 21.82 2.79 30.13
N HIS A 75 22.97 2.63 30.78
CA HIS A 75 23.34 1.35 31.37
C HIS A 75 23.06 1.39 32.87
N ALA A 76 23.06 0.22 33.50
CA ALA A 76 22.85 0.14 34.93
C ALA A 76 24.14 0.65 35.58
N GLU A 77 24.09 1.00 36.86
CA GLU A 77 25.28 1.51 37.53
C GLU A 77 26.40 0.49 37.65
N GLY A 78 27.60 0.94 37.30
CA GLY A 78 28.79 0.10 37.35
C GLY A 78 28.72 -1.11 36.44
N VAL A 79 27.61 -1.26 35.73
CA VAL A 79 27.40 -2.40 34.83
C VAL A 79 27.12 -1.97 33.38
N ASP A 80 28.15 -1.52 32.67
CA ASP A 80 27.96 -1.08 31.28
C ASP A 80 27.23 -2.14 30.46
N GLU A 81 27.86 -3.30 30.33
CA GLU A 81 27.31 -4.44 29.59
C GLU A 81 25.79 -4.51 29.62
N ILE A 82 25.20 -4.27 30.79
CA ILE A 82 23.76 -4.33 30.95
C ILE A 82 23.09 -2.96 30.77
N ILE A 83 22.15 -2.87 29.81
CA ILE A 83 21.47 -1.59 29.59
C ILE A 83 20.13 -1.62 30.31
N VAL A 84 19.72 -0.46 30.82
CA VAL A 84 18.47 -0.36 31.56
C VAL A 84 17.41 0.40 30.78
N LEU A 85 16.22 -0.18 30.71
CA LEU A 85 15.12 0.47 30.02
C LEU A 85 14.04 0.93 31.00
N ASP A 86 14.28 2.09 31.60
CA ASP A 86 13.37 2.69 32.56
C ASP A 86 12.45 3.57 31.74
N THR A 87 11.14 3.31 31.82
CA THR A 87 10.20 4.10 31.03
C THR A 87 9.12 4.75 31.88
N HIS A 88 8.81 5.99 31.54
CA HIS A 88 7.80 6.75 32.26
C HIS A 88 7.31 7.88 31.38
N ASN A 89 6.59 8.82 31.96
CA ASN A 89 6.09 9.97 31.21
C ASN A 89 7.25 10.78 30.62
N ASP A 90 8.34 10.90 31.39
CA ASP A 90 9.52 11.65 30.96
C ASP A 90 10.40 10.90 29.97
N ASN A 91 10.33 9.57 30.01
CA ASN A 91 11.11 8.75 29.09
C ASN A 91 10.20 7.70 28.43
N PRO A 92 9.37 8.13 27.47
CA PRO A 92 8.44 7.25 26.76
C PRO A 92 9.12 6.03 26.13
N PRO A 93 8.38 4.92 25.98
CA PRO A 93 8.88 3.68 25.41
C PRO A 93 9.22 3.91 23.94
N ASP A 94 10.24 3.24 23.42
CA ASP A 94 10.61 3.42 22.02
C ASP A 94 10.87 2.09 21.32
N ASN A 95 10.40 1.00 21.90
CA ASN A 95 10.58 -0.33 21.31
C ASN A 95 9.23 -0.93 20.90
N ASP A 96 8.28 -0.04 20.59
CA ASP A 96 6.97 -0.45 20.15
C ASP A 96 6.99 -0.38 18.62
N ASN A 97 7.82 -1.24 18.05
CA ASN A 97 8.01 -1.39 16.62
C ASN A 97 8.73 -2.71 16.43
N TRP A 98 8.53 -3.34 15.28
CA TRP A 98 9.18 -4.61 15.01
C TRP A 98 10.62 -4.42 14.64
N HIS A 99 11.51 -5.10 15.36
CA HIS A 99 12.93 -4.95 15.09
C HIS A 99 13.77 -6.13 15.53
N THR A 100 15.04 -6.06 15.16
CA THR A 100 16.00 -7.06 15.53
C THR A 100 17.13 -6.24 16.10
N ASP A 101 17.42 -6.46 17.38
CA ASP A 101 18.45 -5.71 18.08
C ASP A 101 19.75 -5.47 17.35
N VAL A 102 20.13 -4.21 17.31
CA VAL A 102 21.37 -3.76 16.70
C VAL A 102 21.83 -4.46 15.44
N THR A 103 21.01 -4.42 14.38
CA THR A 103 21.40 -5.03 13.12
C THR A 103 22.19 -4.00 12.33
N PHE A 104 22.38 -2.83 12.92
CA PHE A 104 23.12 -1.76 12.25
C PHE A 104 24.63 -1.87 12.42
N ILE A 105 25.11 -2.97 13.00
CA ILE A 105 26.56 -3.19 13.14
C ILE A 105 26.89 -4.40 12.28
N GLU A 106 28.16 -4.50 11.88
CA GLU A 106 28.65 -5.58 11.02
C GLU A 106 28.32 -7.00 11.49
N THR A 107 28.19 -7.21 12.80
CA THR A 107 27.87 -8.53 13.33
C THR A 107 26.85 -8.40 14.45
N PRO A 108 25.57 -8.35 14.08
CA PRO A 108 24.48 -8.21 15.04
C PRO A 108 24.45 -9.26 16.16
N PRO A 109 23.98 -8.84 17.34
CA PRO A 109 23.88 -9.72 18.50
C PRO A 109 23.18 -11.03 18.14
N ALA A 110 23.67 -12.13 18.70
CA ALA A 110 23.08 -13.44 18.44
C ALA A 110 21.98 -13.73 19.46
N GLY A 111 22.01 -13.02 20.57
CA GLY A 111 21.01 -13.25 21.59
C GLY A 111 20.89 -12.14 22.61
N ALA A 112 19.91 -12.25 23.50
CA ALA A 112 19.74 -11.24 24.51
C ALA A 112 18.94 -11.83 25.66
N ILE A 113 19.12 -11.27 26.84
CA ILE A 113 18.42 -11.76 27.99
C ILE A 113 17.72 -10.61 28.69
N LEU A 114 16.40 -10.61 28.62
CA LEU A 114 15.61 -9.56 29.25
C LEU A 114 15.25 -9.98 30.67
N ALA A 115 15.08 -9.00 31.55
CA ALA A 115 14.73 -9.26 32.94
C ALA A 115 13.81 -8.17 33.45
N ALA A 116 12.63 -8.54 33.93
CA ALA A 116 11.67 -7.57 34.43
C ALA A 116 12.01 -7.13 35.86
N LYS A 117 12.00 -5.82 36.10
CA LYS A 117 12.31 -5.27 37.43
C LYS A 117 11.06 -4.62 38.01
N GLU A 118 10.64 -3.51 37.41
CA GLU A 118 9.45 -2.81 37.87
C GLU A 118 8.47 -2.84 36.71
N LEU A 119 7.35 -3.53 36.90
CA LEU A 119 6.34 -3.63 35.86
C LEU A 119 5.07 -2.91 36.28
N PRO A 120 4.31 -2.40 35.30
CA PRO A 120 3.06 -1.69 35.59
C PRO A 120 2.00 -2.70 35.99
N SER A 121 0.88 -2.21 36.51
CA SER A 121 -0.21 -3.07 36.93
C SER A 121 -0.53 -4.05 35.81
N THR A 122 -0.69 -3.51 34.61
CA THR A 122 -1.00 -4.32 33.44
C THR A 122 -0.50 -3.62 32.17
N GLY A 123 -0.15 -4.41 31.16
CA GLY A 123 0.34 -3.84 29.93
C GLY A 123 1.81 -4.13 29.72
N GLY A 124 2.39 -3.50 28.70
CA GLY A 124 3.79 -3.68 28.42
C GLY A 124 4.13 -5.06 27.91
N ASP A 125 3.14 -5.78 27.40
CA ASP A 125 3.35 -7.12 26.87
C ASP A 125 4.42 -7.05 25.79
N THR A 126 5.17 -8.12 25.61
CA THR A 126 6.21 -8.14 24.60
C THR A 126 6.05 -9.35 23.68
N LEU A 127 6.17 -9.10 22.38
CA LEU A 127 6.04 -10.13 21.33
C LEU A 127 7.37 -10.43 20.65
N TRP A 128 7.45 -11.61 20.02
CA TRP A 128 8.61 -12.08 19.26
C TRP A 128 8.02 -12.74 18.00
N THR A 129 8.70 -12.63 16.87
CA THR A 129 8.20 -13.24 15.63
C THR A 129 9.32 -14.02 14.94
N SER A 130 8.98 -15.20 14.43
CA SER A 130 9.97 -16.07 13.80
C SER A 130 10.33 -15.74 12.36
N GLY A 131 11.61 -15.45 12.15
CA GLY A 131 12.10 -15.14 10.82
C GLY A 131 12.23 -16.38 9.93
N ILE A 132 12.28 -17.55 10.57
CA ILE A 132 12.39 -18.79 9.83
C ILE A 132 11.01 -19.27 9.38
N ALA A 133 10.00 -19.12 10.23
CA ALA A 133 8.65 -19.50 9.87
C ALA A 133 8.27 -18.64 8.66
N ALA A 134 8.25 -17.32 8.87
CA ALA A 134 7.91 -16.36 7.81
C ALA A 134 8.59 -16.66 6.48
N TYR A 135 9.76 -17.27 6.51
CA TYR A 135 10.42 -17.59 5.25
C TYR A 135 9.67 -18.77 4.65
N GLU A 136 9.47 -19.80 5.47
CA GLU A 136 8.76 -20.99 5.03
C GLU A 136 7.40 -20.64 4.44
N ALA A 137 6.75 -19.65 5.03
CA ALA A 137 5.44 -19.22 4.55
C ALA A 137 5.51 -18.50 3.20
N LEU A 138 6.72 -18.24 2.70
CA LEU A 138 6.87 -17.57 1.42
C LEU A 138 6.77 -18.56 0.27
N SER A 139 6.04 -18.20 -0.79
CA SER A 139 5.91 -19.07 -1.94
C SER A 139 7.31 -19.29 -2.50
N VAL A 140 7.48 -20.37 -3.25
CA VAL A 140 8.78 -20.69 -3.83
C VAL A 140 9.28 -19.55 -4.71
N PRO A 141 8.42 -19.02 -5.59
CA PRO A 141 8.84 -17.93 -6.47
C PRO A 141 9.41 -16.76 -5.67
N PHE A 142 8.84 -16.53 -4.49
CA PHE A 142 9.28 -15.45 -3.64
C PHE A 142 10.63 -15.70 -2.97
N ARG A 143 10.84 -16.91 -2.47
CA ARG A 143 12.10 -17.24 -1.82
C ARG A 143 13.20 -17.05 -2.84
N GLN A 144 12.93 -17.45 -4.07
CA GLN A 144 13.92 -17.31 -5.13
C GLN A 144 14.27 -15.84 -5.32
N LEU A 145 13.25 -15.00 -5.21
CA LEU A 145 13.43 -13.56 -5.37
C LEU A 145 14.32 -13.01 -4.26
N LEU A 146 13.83 -13.08 -3.02
CA LEU A 146 14.54 -12.56 -1.85
C LEU A 146 15.94 -13.15 -1.61
N SER A 147 16.03 -14.46 -1.45
CA SER A 147 17.33 -15.10 -1.26
C SER A 147 18.32 -14.49 -2.22
N GLY A 148 19.48 -14.06 -1.72
CA GLY A 148 20.46 -13.45 -2.59
C GLY A 148 20.50 -11.94 -2.53
N LEU A 149 19.36 -11.31 -2.27
CA LEU A 149 19.31 -9.86 -2.19
C LEU A 149 19.86 -9.32 -0.86
N ARG A 150 20.33 -8.08 -0.89
CA ARG A 150 20.90 -7.43 0.29
C ARG A 150 20.09 -6.20 0.64
N ALA A 151 20.00 -5.92 1.94
CA ALA A 151 19.23 -4.77 2.41
C ALA A 151 20.05 -3.92 3.37
N GLU A 152 19.91 -2.60 3.25
CA GLU A 152 20.64 -1.70 4.10
C GLU A 152 19.99 -1.53 5.47
N HIS A 153 20.84 -1.31 6.47
CA HIS A 153 20.40 -1.11 7.84
C HIS A 153 21.01 0.21 8.29
N ASP A 154 20.20 1.03 8.93
CA ASP A 154 20.68 2.32 9.38
C ASP A 154 20.28 2.54 10.81
N PHE A 155 21.24 3.05 11.58
CA PHE A 155 21.02 3.36 12.98
C PHE A 155 19.98 4.46 13.13
N ARG A 156 20.07 5.47 12.27
CA ARG A 156 19.17 6.61 12.33
C ARG A 156 17.70 6.28 12.17
N LYS A 157 17.40 5.25 11.37
CA LYS A 157 16.01 4.89 11.17
C LYS A 157 15.25 4.72 12.48
N SER A 158 15.87 4.10 13.48
CA SER A 158 15.22 3.91 14.78
C SER A 158 15.65 4.98 15.79
N PHE A 159 16.68 5.75 15.44
CA PHE A 159 17.18 6.82 16.30
C PHE A 159 17.42 8.08 15.49
N PRO A 160 16.37 8.89 15.29
CA PRO A 160 16.51 10.13 14.52
C PRO A 160 17.08 11.25 15.38
N GLU A 161 17.80 12.16 14.73
CA GLU A 161 18.42 13.29 15.42
C GLU A 161 17.40 14.11 16.20
N TYR A 162 16.25 14.36 15.60
CA TYR A 162 15.23 15.16 16.26
C TYR A 162 14.72 14.56 17.57
N LYS A 163 15.14 13.33 17.87
CA LYS A 163 14.68 12.68 19.09
C LYS A 163 15.72 12.69 20.19
N TYR A 164 16.89 13.24 19.89
CA TYR A 164 17.97 13.32 20.87
C TYR A 164 18.57 14.71 20.96
N ARG A 165 17.72 15.67 21.33
CA ARG A 165 18.13 17.06 21.45
C ARG A 165 17.66 17.65 22.77
N LYS A 166 17.14 16.81 23.66
CA LYS A 166 16.68 17.29 24.96
C LYS A 166 17.82 18.11 25.53
N THR A 167 19.01 17.52 25.52
CA THR A 167 20.20 18.17 26.03
C THR A 167 21.26 18.18 24.95
N GLU A 168 22.37 18.85 25.23
CA GLU A 168 23.48 18.93 24.29
C GLU A 168 24.32 17.67 24.45
N GLU A 169 24.30 17.10 25.65
CA GLU A 169 25.04 15.88 25.92
C GLU A 169 24.40 14.78 25.08
N GLU A 170 23.11 14.59 25.30
CA GLU A 170 22.32 13.59 24.59
C GLU A 170 22.53 13.72 23.08
N HIS A 171 22.60 14.96 22.60
CA HIS A 171 22.81 15.20 21.17
C HIS A 171 24.21 14.75 20.74
N GLN A 172 25.19 15.00 21.61
CA GLN A 172 26.58 14.64 21.32
C GLN A 172 26.74 13.13 21.21
N ARG A 173 26.09 12.41 22.13
CA ARG A 173 26.11 10.96 22.14
C ARG A 173 25.52 10.39 20.83
N TRP A 174 24.47 11.03 20.34
CA TRP A 174 23.85 10.60 19.09
C TRP A 174 24.89 10.75 17.98
N ARG A 175 25.43 11.96 17.84
CA ARG A 175 26.42 12.26 16.81
C ARG A 175 27.56 11.24 16.79
N GLU A 176 28.02 10.82 17.97
CA GLU A 176 29.09 9.84 18.01
C GLU A 176 28.60 8.48 17.56
N ALA A 177 27.45 8.07 18.07
CA ALA A 177 26.85 6.79 17.70
C ALA A 177 26.62 6.70 16.19
N VAL A 178 26.16 7.78 15.58
CA VAL A 178 25.93 7.79 14.15
C VAL A 178 27.26 7.58 13.43
N ALA A 179 28.29 8.31 13.88
CA ALA A 179 29.62 8.25 13.30
C ALA A 179 30.22 6.84 13.27
N LYS A 180 30.14 6.14 14.39
CA LYS A 180 30.68 4.79 14.49
C LYS A 180 29.83 3.71 13.85
N ASN A 181 28.65 4.09 13.37
CA ASN A 181 27.73 3.11 12.77
C ASN A 181 27.08 3.63 11.49
N PRO A 182 27.79 3.51 10.36
CA PRO A 182 27.16 3.99 9.12
C PRO A 182 26.25 2.89 8.60
N PRO A 183 25.43 3.22 7.58
CA PRO A 183 24.55 2.19 7.06
C PRO A 183 25.42 1.11 6.40
N LEU A 184 25.01 -0.15 6.52
CA LEU A 184 25.76 -1.25 5.90
C LEU A 184 24.78 -2.32 5.43
N LEU A 185 25.26 -3.29 4.67
CA LEU A 185 24.40 -4.34 4.11
C LEU A 185 24.32 -5.69 4.82
N HIS A 186 23.11 -6.25 4.83
CA HIS A 186 22.81 -7.56 5.40
C HIS A 186 21.82 -8.29 4.49
N PRO A 187 22.08 -9.57 4.21
CA PRO A 187 21.24 -10.41 3.35
C PRO A 187 19.78 -10.37 3.73
N VAL A 188 18.90 -10.35 2.72
CA VAL A 188 17.46 -10.34 2.95
C VAL A 188 17.12 -11.68 3.58
N VAL A 189 17.70 -12.74 3.04
CA VAL A 189 17.51 -14.09 3.57
C VAL A 189 18.81 -14.52 4.24
N ARG A 190 18.70 -14.91 5.52
CA ARG A 190 19.88 -15.32 6.25
C ARG A 190 19.93 -16.79 6.65
N THR A 191 21.11 -17.38 6.48
CA THR A 191 21.32 -18.78 6.84
C THR A 191 21.83 -18.75 8.29
N HIS A 192 21.16 -19.47 9.18
CA HIS A 192 21.57 -19.53 10.58
C HIS A 192 22.92 -20.21 10.69
N PRO A 193 23.89 -19.57 11.37
CA PRO A 193 25.25 -20.09 11.56
C PRO A 193 25.31 -21.58 11.93
N VAL A 194 24.45 -22.00 12.85
CA VAL A 194 24.39 -23.38 13.31
C VAL A 194 23.40 -24.20 12.48
N SER A 195 22.12 -24.09 12.83
CA SER A 195 21.05 -24.83 12.16
C SER A 195 21.14 -24.86 10.65
N GLY A 196 21.45 -23.71 10.05
CA GLY A 196 21.54 -23.68 8.60
C GLY A 196 20.15 -23.53 8.01
N LYS A 197 19.20 -23.17 8.84
CA LYS A 197 17.83 -22.96 8.39
C LYS A 197 17.82 -21.56 7.78
N GLN A 198 16.93 -21.34 6.81
CA GLN A 198 16.83 -20.03 6.18
C GLN A 198 15.80 -19.19 6.95
N ALA A 199 16.04 -17.88 6.99
CA ALA A 199 15.12 -16.99 7.67
C ALA A 199 15.15 -15.61 7.05
N LEU A 200 14.02 -14.91 7.13
CA LEU A 200 13.93 -13.56 6.61
C LEU A 200 14.73 -12.66 7.55
N PHE A 201 15.80 -12.03 7.04
CA PHE A 201 16.59 -11.16 7.88
C PHE A 201 16.45 -9.65 7.64
N VAL A 202 15.22 -9.13 7.77
CA VAL A 202 15.00 -7.69 7.64
C VAL A 202 14.05 -7.33 8.77
N ASN A 203 14.10 -6.06 9.20
CA ASN A 203 13.20 -5.62 10.26
C ASN A 203 12.91 -4.16 10.06
N GLU A 204 11.67 -3.76 10.35
CA GLU A 204 11.23 -2.39 10.18
C GLU A 204 12.03 -1.34 10.95
N GLY A 205 12.53 -1.72 12.12
CA GLY A 205 13.29 -0.81 12.94
C GLY A 205 14.55 -0.22 12.30
N PHE A 206 15.26 -1.02 11.50
CA PHE A 206 16.49 -0.52 10.87
C PHE A 206 16.62 -0.63 9.36
N THR A 207 15.98 -1.62 8.75
CA THR A 207 16.09 -1.82 7.29
C THR A 207 15.49 -0.65 6.52
N THR A 208 16.31 0.03 5.75
CA THR A 208 15.84 1.18 5.00
C THR A 208 15.43 0.80 3.57
N ARG A 209 16.19 -0.08 2.94
CA ARG A 209 15.86 -0.47 1.59
C ARG A 209 16.71 -1.61 1.09
N ILE A 210 16.19 -2.31 0.10
CA ILE A 210 16.87 -3.41 -0.53
C ILE A 210 17.59 -2.77 -1.70
N VAL A 211 18.91 -2.79 -1.65
CA VAL A 211 19.72 -2.18 -2.69
C VAL A 211 19.80 -2.96 -4.00
N ASP A 212 19.39 -4.22 -3.97
CA ASP A 212 19.47 -5.04 -5.17
C ASP A 212 18.33 -4.90 -6.18
N VAL A 213 17.30 -4.14 -5.81
CA VAL A 213 16.17 -3.90 -6.69
C VAL A 213 15.97 -2.39 -6.79
N SER A 214 14.95 -1.95 -7.52
CA SER A 214 14.71 -0.51 -7.68
C SER A 214 14.15 0.09 -6.40
N GLU A 215 14.08 1.42 -6.34
CA GLU A 215 13.57 2.08 -5.17
C GLU A 215 12.14 1.68 -4.89
N LYS A 216 11.31 1.68 -5.93
CA LYS A 216 9.91 1.32 -5.75
C LYS A 216 9.66 -0.16 -5.61
N GLU A 217 10.56 -0.98 -6.17
CA GLU A 217 10.42 -2.42 -6.02
C GLU A 217 10.71 -2.69 -4.54
N SER A 218 11.70 -1.97 -4.01
CA SER A 218 12.07 -2.12 -2.61
C SER A 218 10.93 -1.69 -1.70
N GLU A 219 10.35 -0.51 -1.96
CA GLU A 219 9.24 -0.03 -1.16
C GLU A 219 8.14 -1.07 -1.15
N ALA A 220 7.87 -1.68 -2.30
CA ALA A 220 6.81 -2.69 -2.38
C ALA A 220 7.17 -3.99 -1.68
N LEU A 221 8.42 -4.43 -1.82
CA LEU A 221 8.83 -5.66 -1.18
C LEU A 221 8.89 -5.48 0.33
N LEU A 222 9.54 -4.40 0.77
CA LEU A 222 9.61 -4.15 2.20
C LEU A 222 8.21 -3.92 2.75
N SER A 223 7.38 -3.19 2.00
CA SER A 223 6.02 -2.94 2.45
C SER A 223 5.26 -4.23 2.72
N PHE A 224 5.62 -5.28 2.00
CA PHE A 224 5.00 -6.59 2.15
C PHE A 224 5.61 -7.35 3.32
N LEU A 225 6.93 -7.38 3.38
CA LEU A 225 7.65 -8.08 4.45
C LEU A 225 7.31 -7.52 5.83
N PHE A 226 7.26 -6.19 5.97
CA PHE A 226 6.94 -5.59 7.27
C PHE A 226 5.53 -5.94 7.72
N ALA A 227 4.66 -6.33 6.79
CA ALA A 227 3.29 -6.68 7.18
C ALA A 227 3.24 -8.18 7.40
N HIS A 228 3.94 -8.90 6.52
CA HIS A 228 4.02 -10.35 6.54
C HIS A 228 4.43 -10.92 7.90
N ILE A 229 5.38 -10.27 8.56
CA ILE A 229 5.88 -10.76 9.84
C ILE A 229 4.95 -10.56 11.03
N THR A 230 3.87 -9.80 10.85
CA THR A 230 2.94 -9.56 11.94
C THR A 230 1.83 -10.61 11.93
N LYS A 231 1.99 -11.63 11.10
CA LYS A 231 1.01 -12.69 11.00
C LYS A 231 1.09 -13.47 12.33
N PRO A 232 -0.05 -13.59 13.05
CA PRO A 232 -0.14 -14.30 14.32
C PRO A 232 0.61 -15.63 14.44
N GLU A 233 0.38 -16.53 13.48
CA GLU A 233 1.04 -17.84 13.52
C GLU A 233 2.56 -17.79 13.50
N PHE A 234 3.14 -16.60 13.42
CA PHE A 234 4.60 -16.51 13.39
C PHE A 234 5.18 -16.07 14.72
N GLN A 235 4.30 -15.68 15.64
CA GLN A 235 4.74 -15.15 16.92
C GLN A 235 4.20 -15.74 18.22
N VAL A 236 4.87 -15.39 19.32
CA VAL A 236 4.49 -15.79 20.67
C VAL A 236 4.41 -14.51 21.49
N ARG A 237 3.38 -14.40 22.31
CA ARG A 237 3.23 -13.20 23.11
C ARG A 237 3.40 -13.48 24.60
N TRP A 238 4.19 -12.66 25.27
CA TRP A 238 4.43 -12.84 26.69
C TRP A 238 3.95 -11.74 27.59
N ARG A 239 3.17 -12.12 28.61
CA ARG A 239 2.67 -11.15 29.59
C ARG A 239 3.74 -11.18 30.68
N TRP A 240 4.35 -10.03 30.96
CA TRP A 240 5.42 -9.97 31.96
C TRP A 240 5.00 -10.03 33.42
N GLN A 241 5.91 -10.55 34.23
CA GLN A 241 5.73 -10.67 35.67
C GLN A 241 7.08 -10.39 36.33
N PRO A 242 7.08 -9.60 37.42
CA PRO A 242 8.31 -9.24 38.14
C PRO A 242 9.33 -10.38 38.22
N ASN A 243 10.60 -10.01 38.13
CA ASN A 243 11.69 -10.98 38.19
C ASN A 243 11.41 -12.13 37.24
N ASP A 244 11.64 -11.87 35.96
CA ASP A 244 11.39 -12.86 34.91
C ASP A 244 12.52 -12.77 33.89
N ILE A 245 12.88 -13.91 33.30
CA ILE A 245 13.96 -13.98 32.32
C ILE A 245 13.44 -14.38 30.94
N ALA A 246 14.01 -13.76 29.91
CA ALA A 246 13.65 -14.02 28.53
C ALA A 246 14.92 -14.03 27.70
N ILE A 247 15.23 -15.17 27.10
CA ILE A 247 16.42 -15.30 26.25
C ILE A 247 15.91 -15.66 24.87
N TRP A 248 16.43 -14.97 23.84
CA TRP A 248 16.01 -15.24 22.47
C TRP A 248 17.15 -15.16 21.48
N ASP A 249 16.99 -15.84 20.35
CA ASP A 249 17.99 -15.87 19.29
C ASP A 249 17.69 -14.65 18.41
N ASN A 250 18.65 -13.72 18.34
CA ASN A 250 18.49 -12.49 17.58
C ASN A 250 18.88 -12.61 16.11
N ARG A 251 19.23 -13.81 15.69
CA ARG A 251 19.63 -14.04 14.30
C ARG A 251 18.48 -14.42 13.39
N VAL A 252 17.36 -14.81 13.99
CA VAL A 252 16.22 -15.25 13.20
C VAL A 252 14.86 -14.84 13.77
N THR A 253 14.80 -13.74 14.52
CA THR A 253 13.54 -13.26 15.07
C THR A 253 13.48 -11.73 15.13
N GLN A 254 12.33 -11.23 15.58
CA GLN A 254 12.09 -9.80 15.75
C GLN A 254 11.13 -9.73 16.91
N HIS A 255 11.17 -8.63 17.67
CA HIS A 255 10.25 -8.48 18.79
C HIS A 255 9.63 -7.10 18.81
N TYR A 256 8.64 -6.93 19.66
CA TYR A 256 7.91 -5.68 19.74
C TYR A 256 7.45 -5.55 21.18
N ALA A 257 7.69 -4.38 21.77
CA ALA A 257 7.31 -4.15 23.16
C ALA A 257 6.24 -3.07 23.26
N ASN A 258 5.04 -3.49 23.62
CA ASN A 258 3.91 -2.58 23.73
C ASN A 258 4.16 -1.33 24.55
N ALA A 259 3.49 -0.26 24.14
CA ALA A 259 3.57 1.05 24.78
C ALA A 259 2.14 1.40 25.19
N ASP A 260 1.76 0.96 26.39
CA ASP A 260 0.40 1.19 26.87
C ASP A 260 0.31 1.22 28.39
N TYR A 261 1.41 1.59 29.05
CA TYR A 261 1.44 1.63 30.50
C TYR A 261 1.67 3.00 31.15
N LEU A 262 2.10 3.99 30.36
CA LEU A 262 2.31 5.33 30.91
C LEU A 262 0.96 5.85 31.43
N PRO A 263 0.96 6.74 32.44
CA PRO A 263 2.09 7.36 33.16
C PRO A 263 2.82 6.45 34.14
N GLN A 264 2.46 5.17 34.16
CA GLN A 264 3.12 4.23 35.06
C GLN A 264 4.58 4.05 34.66
N ARG A 265 5.38 3.46 35.55
CA ARG A 265 6.80 3.25 35.29
C ARG A 265 7.16 1.78 35.05
N ARG A 266 7.97 1.55 34.02
CA ARG A 266 8.40 0.20 33.70
C ARG A 266 9.91 0.20 33.62
N ILE A 267 10.53 -0.80 34.25
CA ILE A 267 11.99 -0.93 34.28
C ILE A 267 12.45 -2.31 33.84
N MET A 268 13.21 -2.37 32.75
CA MET A 268 13.73 -3.63 32.22
C MET A 268 15.24 -3.60 32.12
N HIS A 269 15.86 -4.74 32.36
CA HIS A 269 17.31 -4.86 32.26
C HIS A 269 17.56 -5.83 31.13
N ARG A 270 18.67 -5.64 30.41
CA ARG A 270 18.97 -6.49 29.27
C ARG A 270 20.45 -6.72 29.02
N ALA A 271 20.80 -7.97 28.69
CA ALA A 271 22.17 -8.35 28.38
C ALA A 271 22.16 -8.58 26.87
N THR A 272 23.21 -8.14 26.17
CA THR A 272 23.24 -8.30 24.72
C THR A 272 24.43 -9.02 24.12
N ILE A 273 24.27 -10.33 23.96
CA ILE A 273 25.29 -11.21 23.40
C ILE A 273 25.58 -10.87 21.94
N LEU A 274 26.87 -10.72 21.63
CA LEU A 274 27.34 -10.38 20.27
C LEU A 274 27.34 -11.66 19.42
N GLY A 275 27.40 -11.49 18.10
CA GLY A 275 27.40 -12.62 17.18
C GLY A 275 28.35 -12.46 16.00
N ASP A 276 28.24 -13.35 15.01
CA ASP A 276 29.13 -13.30 13.84
C ASP A 276 28.61 -12.50 12.65
N LYS A 277 29.11 -12.81 11.46
CA LYS A 277 28.70 -12.10 10.25
C LYS A 277 27.48 -12.76 9.57
N PRO A 278 26.32 -12.06 9.57
CA PRO A 278 25.16 -12.66 8.91
C PRO A 278 25.52 -12.95 7.46
N PHE A 279 25.02 -14.07 6.93
CA PHE A 279 25.33 -14.43 5.55
C PHE A 279 24.25 -15.32 4.95
N TYR A 280 24.39 -15.62 3.66
CA TYR A 280 23.44 -16.49 2.97
C TYR A 280 24.15 -17.61 2.21
N ARG A 281 23.55 -18.79 2.24
CA ARG A 281 24.10 -19.95 1.55
C ARG A 281 23.00 -20.92 1.14
N ALA A 282 23.08 -21.41 -0.09
CA ALA A 282 22.10 -22.34 -0.62
C ALA A 282 22.05 -23.60 0.25
N GLU B 3 -21.58 -14.88 45.50
CA GLU B 3 -20.22 -14.58 46.03
C GLU B 3 -19.46 -13.56 45.17
N ARG B 4 -18.13 -13.63 45.24
CA ARG B 4 -17.26 -12.71 44.50
C ARG B 4 -16.25 -13.41 43.58
N LEU B 5 -16.56 -13.44 42.29
CA LEU B 5 -15.67 -14.05 41.29
C LEU B 5 -14.40 -13.21 41.17
N SER B 6 -13.35 -13.79 40.58
CA SER B 6 -12.08 -13.08 40.45
C SER B 6 -11.81 -12.53 39.04
N ILE B 7 -11.65 -11.21 38.94
CA ILE B 7 -11.39 -10.53 37.67
C ILE B 7 -9.96 -10.05 37.53
N THR B 8 -9.15 -10.81 36.80
CA THR B 8 -7.75 -10.50 36.57
C THR B 8 -7.47 -10.09 35.11
N PRO B 9 -7.28 -8.79 34.84
CA PRO B 9 -7.01 -8.28 33.49
C PRO B 9 -5.71 -8.77 32.86
N LEU B 10 -5.78 -9.09 31.57
CA LEU B 10 -4.63 -9.58 30.81
C LEU B 10 -4.01 -8.44 30.00
N GLY B 11 -4.59 -7.25 30.12
CA GLY B 11 -4.12 -6.10 29.40
C GLY B 11 -4.87 -4.86 29.87
N PRO B 12 -4.46 -3.67 29.43
CA PRO B 12 -5.10 -2.40 29.81
C PRO B 12 -6.34 -2.04 29.00
N TYR B 13 -6.45 -2.64 27.83
CA TYR B 13 -7.58 -2.31 26.96
C TYR B 13 -8.54 -3.46 26.71
N ILE B 14 -8.03 -4.68 26.77
CA ILE B 14 -8.89 -5.83 26.48
C ILE B 14 -8.27 -7.13 26.99
N GLY B 15 -9.09 -7.93 27.68
CA GLY B 15 -8.63 -9.20 28.22
C GLY B 15 -8.74 -9.29 29.73
N ALA B 16 -9.34 -10.36 30.23
CA ALA B 16 -9.51 -10.56 31.67
C ALA B 16 -9.70 -12.03 32.01
N GLN B 17 -8.87 -12.54 32.91
CA GLN B 17 -8.97 -13.93 33.34
C GLN B 17 -9.86 -13.95 34.57
N ILE B 18 -10.83 -14.85 34.56
CA ILE B 18 -11.77 -14.95 35.67
C ILE B 18 -11.79 -16.34 36.28
N SER B 19 -12.29 -16.42 37.51
CA SER B 19 -12.42 -17.67 38.24
C SER B 19 -13.34 -17.43 39.44
N GLY B 20 -13.93 -18.51 39.95
CA GLY B 20 -14.82 -18.39 41.08
C GLY B 20 -16.26 -18.58 40.67
N ALA B 21 -16.53 -19.67 39.97
CA ALA B 21 -17.88 -19.98 39.52
C ALA B 21 -17.96 -21.37 38.91
N ASP B 22 -19.17 -21.78 38.58
CA ASP B 22 -19.44 -23.07 37.97
C ASP B 22 -20.31 -22.86 36.74
N LEU B 23 -19.77 -23.19 35.58
CA LEU B 23 -20.50 -23.03 34.34
C LEU B 23 -21.21 -24.33 33.99
N THR B 24 -20.97 -25.36 34.81
CA THR B 24 -21.61 -26.67 34.63
C THR B 24 -22.96 -26.62 35.35
N ARG B 25 -23.34 -25.42 35.75
CA ARG B 25 -24.60 -25.16 36.44
C ARG B 25 -24.79 -23.64 36.61
N PRO B 26 -26.04 -23.17 36.62
CA PRO B 26 -26.35 -21.74 36.78
C PRO B 26 -25.57 -21.00 37.86
N LEU B 27 -25.61 -19.67 37.79
CA LEU B 27 -24.91 -18.81 38.74
C LEU B 27 -25.87 -17.77 39.35
N SER B 28 -25.54 -17.31 40.56
CA SER B 28 -26.39 -16.35 41.27
C SER B 28 -26.58 -15.05 40.51
N ASP B 29 -27.74 -14.43 40.70
CA ASP B 29 -28.06 -13.17 40.07
C ASP B 29 -26.88 -12.21 40.28
N ASN B 30 -26.07 -12.51 41.29
CA ASN B 30 -24.89 -11.71 41.61
C ASN B 30 -23.74 -12.08 40.69
N GLN B 31 -23.51 -13.39 40.51
CA GLN B 31 -22.44 -13.86 39.64
C GLN B 31 -22.64 -13.26 38.25
N PHE B 32 -23.75 -13.62 37.62
CA PHE B 32 -24.10 -13.15 36.28
C PHE B 32 -23.92 -11.65 36.06
N GLU B 33 -24.45 -10.82 36.95
CA GLU B 33 -24.32 -9.38 36.78
C GLU B 33 -22.88 -8.91 37.03
N GLN B 34 -22.00 -9.85 37.38
CA GLN B 34 -20.60 -9.52 37.61
C GLN B 34 -19.78 -10.03 36.42
N LEU B 35 -20.30 -11.05 35.74
CA LEU B 35 -19.62 -11.62 34.57
C LEU B 35 -20.03 -10.83 33.33
N TYR B 36 -21.28 -10.38 33.31
CA TYR B 36 -21.82 -9.59 32.21
C TYR B 36 -21.14 -8.23 32.24
N HIS B 37 -20.64 -7.86 33.42
CA HIS B 37 -19.95 -6.59 33.59
C HIS B 37 -18.47 -6.74 33.29
N ALA B 38 -17.99 -7.98 33.31
CA ALA B 38 -16.59 -8.22 32.99
C ALA B 38 -16.53 -8.17 31.46
N VAL B 39 -17.43 -8.92 30.83
CA VAL B 39 -17.54 -8.98 29.38
C VAL B 39 -17.73 -7.57 28.83
N LEU B 40 -18.86 -6.99 29.16
CA LEU B 40 -19.21 -5.65 28.71
C LEU B 40 -18.14 -4.64 29.12
N ARG B 41 -17.04 -5.12 29.70
CA ARG B 41 -15.98 -4.23 30.13
C ARG B 41 -14.64 -4.55 29.48
N HIS B 42 -14.13 -5.74 29.74
CA HIS B 42 -12.84 -6.17 29.19
C HIS B 42 -13.00 -6.74 27.78
N GLN B 43 -14.19 -6.55 27.21
CA GLN B 43 -14.52 -6.97 25.86
C GLN B 43 -14.37 -8.47 25.58
N VAL B 44 -13.57 -9.15 26.40
CA VAL B 44 -13.41 -10.59 26.26
C VAL B 44 -12.92 -11.14 27.61
N VAL B 45 -13.72 -12.06 28.17
CA VAL B 45 -13.42 -12.67 29.45
C VAL B 45 -12.95 -14.11 29.27
N PHE B 46 -12.20 -14.62 30.25
CA PHE B 46 -11.67 -15.97 30.19
C PHE B 46 -11.69 -16.71 31.53
N LEU B 47 -12.36 -17.86 31.57
CA LEU B 47 -12.44 -18.69 32.78
C LEU B 47 -11.82 -20.05 32.45
N ARG B 48 -10.64 -20.28 33.02
CA ARG B 48 -9.86 -21.51 32.79
C ARG B 48 -10.42 -22.84 33.32
N ASP B 49 -9.90 -23.92 32.74
CA ASP B 49 -10.25 -25.29 33.13
C ASP B 49 -11.71 -25.71 33.01
N GLN B 50 -12.64 -24.77 33.19
CA GLN B 50 -14.07 -25.07 33.10
C GLN B 50 -14.35 -26.20 32.12
N ALA B 51 -15.15 -27.17 32.54
CA ALA B 51 -15.51 -28.30 31.71
C ALA B 51 -17.04 -28.41 31.69
N ILE B 52 -17.62 -28.41 30.50
CA ILE B 52 -19.07 -28.49 30.36
C ILE B 52 -19.52 -29.21 29.08
N THR B 53 -20.83 -29.19 28.84
CA THR B 53 -21.42 -29.84 27.66
C THR B 53 -22.33 -28.91 26.89
N PRO B 54 -22.55 -29.21 25.59
CA PRO B 54 -23.39 -28.41 24.69
C PRO B 54 -24.64 -27.86 25.39
N GLN B 55 -25.48 -28.78 25.88
CA GLN B 55 -26.71 -28.39 26.57
C GLN B 55 -26.41 -27.33 27.62
N GLN B 56 -25.31 -27.50 28.34
CA GLN B 56 -24.89 -26.55 29.37
C GLN B 56 -24.34 -25.28 28.73
N GLN B 57 -23.39 -25.48 27.81
CA GLN B 57 -22.76 -24.38 27.10
C GLN B 57 -23.81 -23.63 26.28
N ARG B 58 -25.02 -24.18 26.24
CA ARG B 58 -26.12 -23.55 25.53
C ARG B 58 -26.93 -22.73 26.51
N ALA B 59 -27.48 -23.41 27.51
CA ALA B 59 -28.29 -22.75 28.55
C ALA B 59 -27.51 -21.60 29.18
N LEU B 60 -26.19 -21.67 29.08
CA LEU B 60 -25.30 -20.64 29.61
C LEU B 60 -25.52 -19.34 28.83
N ALA B 61 -25.50 -19.47 27.51
CA ALA B 61 -25.69 -18.35 26.60
C ALA B 61 -27.11 -17.80 26.71
N GLN B 62 -28.06 -18.69 26.90
CA GLN B 62 -29.47 -18.32 27.02
C GLN B 62 -29.63 -17.13 27.95
N ARG B 63 -28.95 -17.18 29.09
CA ARG B 63 -29.01 -16.12 30.09
C ARG B 63 -28.67 -14.77 29.49
N PHE B 64 -27.77 -14.77 28.51
CA PHE B 64 -27.36 -13.54 27.82
C PHE B 64 -28.45 -13.09 26.85
N GLY B 65 -28.81 -13.99 25.94
CA GLY B 65 -29.82 -13.68 24.94
C GLY B 65 -30.09 -14.90 24.06
N GLU B 66 -30.94 -14.73 23.06
CA GLU B 66 -31.27 -15.82 22.15
C GLU B 66 -30.02 -16.36 21.48
N LEU B 67 -30.14 -17.50 20.81
CA LEU B 67 -28.98 -18.10 20.16
C LEU B 67 -29.15 -18.26 18.65
N HIS B 68 -28.38 -17.47 17.91
CA HIS B 68 -28.39 -17.46 16.45
C HIS B 68 -27.87 -18.78 15.87
N ILE B 69 -28.53 -19.26 14.82
CA ILE B 69 -28.11 -20.50 14.18
C ILE B 69 -27.37 -20.20 12.88
N HIS B 70 -26.10 -20.62 12.87
CA HIS B 70 -25.21 -20.41 11.73
C HIS B 70 -25.80 -21.01 10.45
N PRO B 71 -25.81 -20.23 9.36
CA PRO B 71 -26.34 -20.64 8.05
C PRO B 71 -25.53 -21.74 7.36
N VAL B 72 -24.42 -22.17 7.95
CA VAL B 72 -23.61 -23.19 7.31
C VAL B 72 -22.92 -24.23 8.20
N TYR B 73 -22.12 -23.77 9.18
CA TYR B 73 -21.41 -24.69 10.06
C TYR B 73 -22.33 -25.73 10.71
N PRO B 74 -21.87 -27.00 10.77
CA PRO B 74 -22.65 -28.08 11.38
C PRO B 74 -22.87 -27.78 12.87
N HIS B 75 -23.97 -28.27 13.42
CA HIS B 75 -24.24 -28.03 14.83
C HIS B 75 -23.94 -29.27 15.67
N ALA B 76 -24.03 -29.13 16.98
CA ALA B 76 -23.76 -30.23 17.91
C ALA B 76 -24.67 -31.42 17.60
N GLU B 77 -24.55 -32.49 18.37
CA GLU B 77 -25.41 -33.64 18.13
C GLU B 77 -26.80 -33.29 18.67
N GLY B 78 -27.81 -33.41 17.82
CA GLY B 78 -29.18 -33.12 18.22
C GLY B 78 -29.42 -31.68 18.63
N VAL B 79 -28.42 -31.07 19.27
CA VAL B 79 -28.50 -29.69 19.74
C VAL B 79 -28.66 -28.71 18.56
N ASP B 80 -29.80 -28.02 18.53
CA ASP B 80 -30.07 -27.05 17.45
C ASP B 80 -29.03 -25.94 17.47
N GLU B 81 -28.92 -25.26 18.61
CA GLU B 81 -27.95 -24.18 18.78
C GLU B 81 -26.52 -24.73 18.68
N ILE B 82 -25.59 -24.10 19.40
CA ILE B 82 -24.18 -24.50 19.44
C ILE B 82 -23.63 -25.12 18.17
N ILE B 83 -22.80 -24.36 17.46
CA ILE B 83 -22.20 -24.84 16.23
C ILE B 83 -20.88 -25.52 16.58
N VAL B 84 -20.41 -26.39 15.69
CA VAL B 84 -19.16 -27.13 15.92
C VAL B 84 -18.19 -26.97 14.74
N LEU B 85 -16.89 -27.08 15.03
CA LEU B 85 -15.86 -26.95 14.02
C LEU B 85 -14.84 -28.09 14.08
N ASP B 86 -15.01 -29.10 13.24
CA ASP B 86 -14.09 -30.23 13.26
C ASP B 86 -13.05 -30.10 12.16
N THR B 87 -12.09 -29.21 12.37
CA THR B 87 -11.04 -28.98 11.41
C THR B 87 -9.98 -30.07 11.45
N HIS B 88 -9.40 -30.35 10.30
CA HIS B 88 -8.36 -31.38 10.14
C HIS B 88 -8.00 -31.44 8.65
N ASN B 89 -7.14 -32.38 8.30
CA ASN B 89 -6.70 -32.54 6.91
C ASN B 89 -7.83 -32.43 5.88
N ASP B 90 -9.00 -32.98 6.20
CA ASP B 90 -10.13 -32.94 5.28
C ASP B 90 -11.00 -31.70 5.42
N ASN B 91 -10.86 -31.00 6.53
CA ASN B 91 -11.65 -29.80 6.74
C ASN B 91 -10.79 -28.70 7.35
N PRO B 92 -9.90 -28.10 6.54
CA PRO B 92 -9.02 -27.04 7.01
C PRO B 92 -9.78 -25.94 7.74
N PRO B 93 -9.07 -25.18 8.58
CA PRO B 93 -9.70 -24.09 9.34
C PRO B 93 -10.06 -22.96 8.37
N ASP B 94 -10.93 -22.06 8.80
CA ASP B 94 -11.33 -20.94 7.94
C ASP B 94 -11.54 -19.72 8.81
N ASN B 95 -10.88 -19.70 9.96
CA ASN B 95 -10.99 -18.59 10.88
C ASN B 95 -9.65 -17.94 11.18
N ASP B 96 -8.67 -18.21 10.32
CA ASP B 96 -7.36 -17.60 10.45
C ASP B 96 -7.40 -16.31 9.63
N ASN B 97 -8.28 -15.41 10.05
CA ASN B 97 -8.46 -14.13 9.41
C ASN B 97 -9.15 -13.26 10.43
N TRP B 98 -8.87 -11.96 10.42
CA TRP B 98 -9.50 -11.06 11.38
C TRP B 98 -10.93 -10.78 10.99
N HIS B 99 -11.85 -11.09 11.90
CA HIS B 99 -13.27 -10.85 11.64
C HIS B 99 -14.10 -10.74 12.92
N THR B 100 -15.38 -10.46 12.73
CA THR B 100 -16.36 -10.36 13.80
C THR B 100 -17.46 -11.32 13.36
N ASP B 101 -17.86 -12.23 14.24
CA ASP B 101 -18.88 -13.23 13.91
C ASP B 101 -20.17 -12.69 13.28
N VAL B 102 -20.58 -13.33 12.18
CA VAL B 102 -21.80 -12.99 11.46
C VAL B 102 -22.16 -11.50 11.42
N THR B 103 -21.42 -10.73 10.64
CA THR B 103 -21.72 -9.30 10.51
C THR B 103 -22.55 -9.10 9.26
N PHE B 104 -22.71 -10.18 8.49
CA PHE B 104 -23.47 -10.10 7.25
C PHE B 104 -24.98 -9.98 7.47
N ILE B 105 -25.45 -10.21 8.70
CA ILE B 105 -26.87 -10.07 8.99
C ILE B 105 -27.07 -8.66 9.53
N GLU B 106 -28.31 -8.20 9.52
CA GLU B 106 -28.64 -6.84 9.97
C GLU B 106 -28.49 -6.64 11.47
N THR B 107 -28.41 -7.73 12.21
CA THR B 107 -28.29 -7.65 13.66
C THR B 107 -27.28 -8.69 14.17
N PRO B 108 -25.98 -8.42 13.95
CA PRO B 108 -24.88 -9.30 14.36
C PRO B 108 -24.90 -9.73 15.83
N PRO B 109 -24.29 -10.89 16.12
CA PRO B 109 -24.20 -11.49 17.45
C PRO B 109 -23.56 -10.57 18.49
N ALA B 110 -24.28 -10.30 19.58
CA ALA B 110 -23.77 -9.45 20.65
C ALA B 110 -22.49 -10.01 21.24
N GLY B 111 -22.50 -11.30 21.55
CA GLY B 111 -21.34 -11.94 22.12
C GLY B 111 -21.35 -13.42 21.76
N ALA B 112 -20.34 -14.18 22.14
CA ALA B 112 -20.31 -15.58 21.81
C ALA B 112 -19.46 -16.39 22.79
N ILE B 113 -19.98 -17.54 23.19
CA ILE B 113 -19.28 -18.38 24.13
C ILE B 113 -18.62 -19.55 23.41
N LEU B 114 -17.29 -19.62 23.50
CA LEU B 114 -16.54 -20.69 22.85
C LEU B 114 -15.99 -21.63 23.90
N ALA B 115 -16.04 -22.93 23.59
CA ALA B 115 -15.56 -23.96 24.52
C ALA B 115 -14.59 -24.91 23.83
N ALA B 116 -13.35 -24.95 24.33
CA ALA B 116 -12.33 -25.80 23.78
C ALA B 116 -12.57 -27.24 24.23
N LYS B 117 -13.03 -28.09 23.31
CA LYS B 117 -13.30 -29.48 23.64
C LYS B 117 -12.05 -30.31 23.39
N GLU B 118 -11.49 -30.18 22.19
CA GLU B 118 -10.28 -30.91 21.86
C GLU B 118 -9.32 -30.03 21.07
N LEU B 119 -8.06 -30.02 21.51
CA LEU B 119 -7.00 -29.23 20.91
C LEU B 119 -5.79 -30.11 20.61
N PRO B 120 -4.95 -29.70 19.66
CA PRO B 120 -3.73 -30.43 19.26
C PRO B 120 -2.63 -30.38 20.31
N SER B 121 -1.48 -30.98 19.98
CA SER B 121 -0.33 -31.01 20.90
C SER B 121 0.06 -29.60 21.32
N THR B 122 -0.01 -28.67 20.37
CA THR B 122 0.30 -27.27 20.63
C THR B 122 0.03 -26.48 19.36
N GLY B 123 -0.52 -25.28 19.52
CA GLY B 123 -0.82 -24.45 18.37
C GLY B 123 -2.27 -24.03 18.29
N GLY B 124 -2.59 -23.29 17.24
CA GLY B 124 -3.95 -22.82 17.02
C GLY B 124 -4.52 -21.92 18.11
N ASP B 125 -3.89 -20.77 18.35
CA ASP B 125 -4.39 -19.84 19.37
C ASP B 125 -5.42 -18.87 18.78
N THR B 126 -6.12 -18.16 19.65
CA THR B 126 -7.14 -17.21 19.21
C THR B 126 -6.88 -15.83 19.82
N LEU B 127 -6.92 -14.80 18.98
CA LEU B 127 -6.65 -13.44 19.42
C LEU B 127 -7.81 -12.47 19.18
N TRP B 128 -8.08 -11.62 20.17
CA TRP B 128 -9.14 -10.63 20.05
C TRP B 128 -8.52 -9.23 19.98
N THR B 129 -9.08 -8.38 19.12
CA THR B 129 -8.56 -7.03 18.99
C THR B 129 -9.65 -6.05 19.40
N SER B 130 -9.29 -5.08 20.24
CA SER B 130 -10.27 -4.12 20.70
C SER B 130 -10.61 -3.06 19.66
N GLY B 131 -11.88 -3.03 19.27
CA GLY B 131 -12.33 -2.06 18.30
C GLY B 131 -12.49 -0.71 18.98
N ILE B 132 -12.49 -0.71 20.31
CA ILE B 132 -12.64 0.52 21.08
C ILE B 132 -11.28 1.22 21.19
N ALA B 133 -10.24 0.45 21.44
CA ALA B 133 -8.90 1.00 21.55
C ALA B 133 -8.52 1.63 20.21
N ALA B 134 -8.69 0.85 19.15
CA ALA B 134 -8.37 1.28 17.80
C ALA B 134 -9.00 2.62 17.45
N TYR B 135 -10.26 2.82 17.84
CA TYR B 135 -10.93 4.09 17.56
C TYR B 135 -10.21 5.16 18.33
N GLU B 136 -9.93 4.87 19.60
CA GLU B 136 -9.25 5.82 20.45
C GLU B 136 -7.93 6.23 19.81
N ALA B 137 -7.18 5.26 19.30
CA ALA B 137 -5.88 5.51 18.67
C ALA B 137 -5.95 6.37 17.41
N LEU B 138 -7.14 6.54 16.85
CA LEU B 138 -7.29 7.34 15.65
C LEU B 138 -7.19 8.83 15.98
N SER B 139 -6.49 9.57 15.11
CA SER B 139 -6.33 11.01 15.30
C SER B 139 -7.72 11.60 15.21
N VAL B 140 -7.94 12.75 15.83
CA VAL B 140 -9.25 13.39 15.78
C VAL B 140 -9.73 13.59 14.34
N PRO B 141 -8.84 14.11 13.47
CA PRO B 141 -9.25 14.31 12.07
C PRO B 141 -9.72 12.98 11.48
N PHE B 142 -9.09 11.89 11.89
CA PHE B 142 -9.45 10.56 11.38
C PHE B 142 -10.74 10.03 11.98
N ARG B 143 -11.04 10.41 13.22
CA ARG B 143 -12.26 9.96 13.88
C ARG B 143 -13.43 10.61 13.18
N GLN B 144 -13.29 11.90 12.91
CA GLN B 144 -14.32 12.66 12.24
C GLN B 144 -14.52 12.16 10.82
N LEU B 145 -13.51 11.47 10.29
CA LEU B 145 -13.58 10.94 8.94
C LEU B 145 -14.36 9.62 8.90
N LEU B 146 -13.92 8.66 9.70
CA LEU B 146 -14.57 7.35 9.71
C LEU B 146 -15.95 7.34 10.34
N SER B 147 -16.19 8.29 11.25
CA SER B 147 -17.50 8.39 11.91
C SER B 147 -18.50 8.89 10.88
N GLY B 148 -19.59 8.15 10.72
CA GLY B 148 -20.59 8.58 9.76
C GLY B 148 -20.57 7.85 8.43
N LEU B 149 -19.48 7.16 8.13
CA LEU B 149 -19.40 6.43 6.88
C LEU B 149 -19.92 5.01 7.13
N ARG B 150 -20.48 4.40 6.09
CA ARG B 150 -21.02 3.04 6.18
C ARG B 150 -20.19 2.11 5.34
N ALA B 151 -20.16 0.83 5.70
CA ALA B 151 -19.37 -0.16 4.98
C ALA B 151 -20.19 -1.38 4.63
N GLU B 152 -20.04 -1.86 3.40
CA GLU B 152 -20.79 -3.03 2.95
C GLU B 152 -20.25 -4.29 3.61
N HIS B 153 -21.16 -5.16 4.04
CA HIS B 153 -20.78 -6.42 4.66
C HIS B 153 -21.39 -7.56 3.84
N ASP B 154 -20.54 -8.51 3.43
CA ASP B 154 -20.97 -9.63 2.61
C ASP B 154 -20.62 -10.98 3.22
N PHE B 155 -21.63 -11.84 3.35
CA PHE B 155 -21.47 -13.18 3.90
C PHE B 155 -20.48 -14.03 3.12
N ARG B 156 -20.46 -13.86 1.79
CA ARG B 156 -19.61 -14.64 0.90
C ARG B 156 -18.12 -14.34 0.93
N LYS B 157 -17.74 -13.08 1.14
CA LYS B 157 -16.33 -12.72 1.17
C LYS B 157 -15.53 -13.70 2.00
N SER B 158 -16.17 -14.25 3.04
CA SER B 158 -15.52 -15.21 3.91
C SER B 158 -16.05 -16.63 3.71
N PHE B 159 -17.17 -16.75 3.01
CA PHE B 159 -17.74 -18.07 2.71
C PHE B 159 -17.79 -18.23 1.20
N PRO B 160 -16.67 -18.64 0.59
CA PRO B 160 -16.51 -18.87 -0.85
C PRO B 160 -17.45 -19.95 -1.38
N GLU B 161 -18.04 -19.70 -2.53
CA GLU B 161 -18.94 -20.67 -3.11
C GLU B 161 -18.19 -21.95 -3.45
N TYR B 162 -17.02 -21.81 -4.07
CA TYR B 162 -16.22 -22.97 -4.45
C TYR B 162 -15.93 -23.88 -3.25
N LYS B 163 -16.07 -23.34 -2.05
CA LYS B 163 -15.84 -24.13 -0.85
C LYS B 163 -17.04 -25.01 -0.51
N TYR B 164 -18.18 -24.71 -1.12
CA TYR B 164 -19.40 -25.48 -0.86
C TYR B 164 -20.08 -26.08 -2.07
N ARG B 165 -19.53 -27.17 -2.59
CA ARG B 165 -20.11 -27.84 -3.73
C ARG B 165 -19.56 -29.26 -3.85
N LYS B 166 -19.13 -29.81 -2.72
CA LYS B 166 -18.59 -31.16 -2.67
C LYS B 166 -19.73 -32.17 -2.58
N THR B 167 -20.94 -31.66 -2.37
CA THR B 167 -22.15 -32.47 -2.28
C THR B 167 -23.34 -31.56 -2.62
N GLU B 168 -24.22 -32.04 -3.50
CA GLU B 168 -25.40 -31.28 -3.91
C GLU B 168 -26.16 -30.63 -2.76
N GLU B 169 -26.27 -31.37 -1.66
CA GLU B 169 -26.98 -30.89 -0.48
C GLU B 169 -26.16 -29.80 0.22
N GLU B 170 -24.90 -29.67 -0.17
CA GLU B 170 -24.02 -28.66 0.40
C GLU B 170 -24.14 -27.36 -0.38
N HIS B 171 -24.04 -27.45 -1.70
CA HIS B 171 -24.17 -26.27 -2.56
C HIS B 171 -25.60 -25.76 -2.42
N GLN B 172 -26.43 -26.56 -1.76
CA GLN B 172 -27.82 -26.20 -1.53
C GLN B 172 -27.86 -25.25 -0.32
N ARG B 173 -27.21 -25.67 0.76
CA ARG B 173 -27.14 -24.87 1.98
C ARG B 173 -26.58 -23.50 1.65
N TRP B 174 -25.41 -23.50 1.02
CA TRP B 174 -24.73 -22.25 0.64
C TRP B 174 -25.63 -21.36 -0.22
N ARG B 175 -26.16 -21.94 -1.30
CA ARG B 175 -27.02 -21.23 -2.24
C ARG B 175 -28.08 -20.38 -1.54
N GLU B 176 -28.85 -21.02 -0.67
CA GLU B 176 -29.90 -20.33 0.07
C GLU B 176 -29.38 -19.44 1.20
N ALA B 177 -28.23 -19.82 1.77
CA ALA B 177 -27.62 -19.04 2.83
C ALA B 177 -27.22 -17.68 2.27
N VAL B 178 -26.91 -17.64 0.97
CA VAL B 178 -26.52 -16.42 0.27
C VAL B 178 -27.75 -15.59 -0.03
N ALA B 179 -28.78 -16.23 -0.59
CA ALA B 179 -30.03 -15.56 -0.95
C ALA B 179 -30.69 -14.90 0.25
N LYS B 180 -30.59 -15.58 1.40
CA LYS B 180 -31.18 -15.08 2.63
C LYS B 180 -30.37 -13.93 3.24
N ASN B 181 -29.05 -14.12 3.31
CA ASN B 181 -28.14 -13.11 3.88
C ASN B 181 -27.39 -12.37 2.77
N PRO B 182 -27.95 -11.27 2.27
CA PRO B 182 -27.31 -10.50 1.21
C PRO B 182 -26.36 -9.43 1.74
N PRO B 183 -25.75 -8.66 0.83
CA PRO B 183 -24.83 -7.60 1.26
C PRO B 183 -25.64 -6.48 1.91
N LEU B 184 -25.17 -6.00 3.06
CA LEU B 184 -25.86 -4.93 3.78
C LEU B 184 -24.83 -4.02 4.42
N LEU B 185 -25.28 -2.86 4.88
CA LEU B 185 -24.38 -1.90 5.49
C LEU B 185 -24.36 -1.90 7.02
N HIS B 186 -23.29 -1.32 7.57
CA HIS B 186 -23.08 -1.18 9.01
C HIS B 186 -22.14 -0.01 9.22
N PRO B 187 -22.29 0.71 10.33
CA PRO B 187 -21.41 1.85 10.60
C PRO B 187 -19.93 1.43 10.59
N VAL B 188 -19.06 2.40 10.35
CA VAL B 188 -17.62 2.15 10.35
C VAL B 188 -17.25 2.26 11.81
N VAL B 189 -17.74 3.33 12.44
CA VAL B 189 -17.52 3.58 13.85
C VAL B 189 -18.85 3.26 14.50
N ARG B 190 -18.89 2.22 15.33
CA ARG B 190 -20.13 1.83 16.00
C ARG B 190 -20.21 2.32 17.43
N THR B 191 -21.41 2.75 17.83
CA THR B 191 -21.66 3.21 19.18
C THR B 191 -22.19 2.03 19.99
N HIS B 192 -21.52 1.70 21.08
CA HIS B 192 -21.94 0.58 21.91
C HIS B 192 -23.35 0.78 22.45
N PRO B 193 -24.21 -0.23 22.34
CA PRO B 193 -25.61 -0.18 22.82
C PRO B 193 -25.68 0.17 24.30
N VAL B 194 -24.97 -0.61 25.10
CA VAL B 194 -24.94 -0.41 26.53
C VAL B 194 -23.83 0.57 26.89
N SER B 195 -22.59 0.10 26.83
CA SER B 195 -21.42 0.92 27.16
C SER B 195 -21.60 2.39 26.76
N GLY B 196 -21.43 2.67 25.47
CA GLY B 196 -21.59 4.02 25.00
C GLY B 196 -20.34 4.54 24.33
N LYS B 197 -19.24 3.80 24.47
CA LYS B 197 -17.98 4.18 23.87
C LYS B 197 -17.99 3.86 22.38
N GLN B 198 -17.42 4.75 21.58
CA GLN B 198 -17.36 4.55 20.14
C GLN B 198 -16.29 3.49 19.85
N ALA B 199 -16.49 2.72 18.78
CA ALA B 199 -15.54 1.68 18.42
C ALA B 199 -15.47 1.44 16.91
N LEU B 200 -14.32 0.98 16.43
CA LEU B 200 -14.14 0.69 15.02
C LEU B 200 -14.85 -0.61 14.72
N PHE B 201 -15.83 -0.55 13.84
CA PHE B 201 -16.60 -1.72 13.50
C PHE B 201 -16.50 -2.20 12.04
N VAL B 202 -15.31 -2.63 11.62
CA VAL B 202 -15.13 -3.19 10.28
C VAL B 202 -14.28 -4.43 10.50
N ASN B 203 -14.19 -5.28 9.49
CA ASN B 203 -13.36 -6.46 9.63
C ASN B 203 -13.09 -7.09 8.28
N GLU B 204 -11.87 -7.58 8.13
CA GLU B 204 -11.41 -8.20 6.91
C GLU B 204 -12.24 -9.44 6.61
N GLY B 205 -13.02 -9.85 7.60
CA GLY B 205 -13.86 -11.03 7.44
C GLY B 205 -14.96 -10.87 6.43
N PHE B 206 -15.76 -9.81 6.59
CA PHE B 206 -16.88 -9.58 5.68
C PHE B 206 -16.85 -8.25 4.96
N THR B 207 -16.34 -7.21 5.62
CA THR B 207 -16.26 -5.88 5.02
C THR B 207 -15.57 -5.87 3.66
N THR B 208 -16.32 -5.51 2.62
CA THR B 208 -15.79 -5.46 1.27
C THR B 208 -15.41 -4.03 0.90
N ARG B 209 -16.24 -3.06 1.26
CA ARG B 209 -15.92 -1.67 0.94
C ARG B 209 -16.74 -0.62 1.67
N ILE B 210 -16.21 0.60 1.68
CA ILE B 210 -16.88 1.73 2.31
C ILE B 210 -17.64 2.36 1.15
N VAL B 211 -18.91 2.68 1.37
CA VAL B 211 -19.75 3.22 0.31
C VAL B 211 -19.84 4.73 0.15
N ASP B 212 -19.59 5.47 1.21
CA ASP B 212 -19.71 6.92 1.13
C ASP B 212 -18.46 7.67 0.62
N VAL B 213 -17.54 6.90 0.03
CA VAL B 213 -16.30 7.44 -0.52
C VAL B 213 -16.08 6.76 -1.85
N SER B 214 -15.09 7.22 -2.62
CA SER B 214 -14.81 6.62 -3.93
C SER B 214 -14.20 5.26 -3.75
N GLU B 215 -14.15 4.51 -4.85
CA GLU B 215 -13.58 3.17 -4.84
C GLU B 215 -12.14 3.22 -4.32
N LYS B 216 -11.31 4.05 -4.95
CA LYS B 216 -9.91 4.17 -4.55
C LYS B 216 -9.78 4.62 -3.11
N GLU B 217 -10.69 5.47 -2.66
CA GLU B 217 -10.64 5.95 -1.30
C GLU B 217 -10.92 4.82 -0.32
N SER B 218 -11.98 4.05 -0.62
CA SER B 218 -12.34 2.93 0.23
C SER B 218 -11.11 2.07 0.40
N GLU B 219 -10.57 1.61 -0.71
CA GLU B 219 -9.39 0.76 -0.70
C GLU B 219 -8.28 1.30 0.19
N ALA B 220 -7.97 2.57 0.02
CA ALA B 220 -6.92 3.20 0.82
C ALA B 220 -7.30 3.14 2.29
N LEU B 221 -8.53 3.51 2.58
CA LEU B 221 -8.99 3.49 3.96
C LEU B 221 -9.00 2.08 4.53
N LEU B 222 -9.83 1.21 3.95
CA LEU B 222 -9.91 -0.17 4.43
C LEU B 222 -8.52 -0.77 4.54
N SER B 223 -7.65 -0.45 3.60
CA SER B 223 -6.28 -0.95 3.63
C SER B 223 -5.54 -0.50 4.86
N PHE B 224 -5.82 0.72 5.32
CA PHE B 224 -5.18 1.21 6.53
C PHE B 224 -5.82 0.49 7.73
N LEU B 225 -7.14 0.44 7.74
CA LEU B 225 -7.88 -0.21 8.83
C LEU B 225 -7.57 -1.70 9.04
N PHE B 226 -7.47 -2.47 7.95
CA PHE B 226 -7.16 -3.90 8.07
C PHE B 226 -5.77 -4.14 8.64
N ALA B 227 -4.95 -3.10 8.67
CA ALA B 227 -3.60 -3.21 9.21
C ALA B 227 -3.61 -2.62 10.61
N HIS B 228 -4.20 -1.44 10.71
CA HIS B 228 -4.30 -0.74 11.97
C HIS B 228 -4.72 -1.70 13.07
N ILE B 229 -5.98 -2.14 13.02
CA ILE B 229 -6.54 -3.05 14.01
C ILE B 229 -5.65 -4.22 14.43
N THR B 230 -4.59 -4.52 13.69
CA THR B 230 -3.75 -5.64 14.09
C THR B 230 -2.56 -5.16 14.91
N LYS B 231 -2.69 -3.98 15.51
CA LYS B 231 -1.61 -3.44 16.32
C LYS B 231 -1.53 -4.21 17.63
N PRO B 232 -0.33 -4.72 17.98
CA PRO B 232 -0.11 -5.51 19.21
C PRO B 232 -0.87 -5.03 20.45
N GLU B 233 -0.72 -3.76 20.81
CA GLU B 233 -1.41 -3.23 21.99
C GLU B 233 -2.92 -3.08 21.88
N PHE B 234 -3.50 -3.66 20.83
CA PHE B 234 -4.96 -3.59 20.66
C PHE B 234 -5.51 -4.96 21.00
N GLN B 235 -4.62 -5.94 21.09
CA GLN B 235 -5.00 -7.32 21.31
C GLN B 235 -4.75 -8.00 22.66
N VAL B 236 -5.09 -9.28 22.67
CA VAL B 236 -4.93 -10.19 23.80
C VAL B 236 -4.88 -11.58 23.17
N ARG B 237 -3.83 -12.34 23.47
CA ARG B 237 -3.65 -13.68 22.89
C ARG B 237 -3.88 -14.78 23.91
N TRP B 238 -4.77 -15.70 23.57
CA TRP B 238 -5.12 -16.81 24.45
C TRP B 238 -4.62 -18.16 23.96
N ARG B 239 -3.88 -18.87 24.80
CA ARG B 239 -3.34 -20.18 24.46
C ARG B 239 -4.23 -21.27 25.07
N TRP B 240 -5.09 -21.87 24.25
CA TRP B 240 -6.02 -22.90 24.71
C TRP B 240 -5.38 -24.15 25.30
N GLN B 241 -6.04 -24.66 26.33
CA GLN B 241 -5.64 -25.89 27.02
C GLN B 241 -6.95 -26.65 27.26
N PRO B 242 -7.01 -27.94 26.88
CA PRO B 242 -8.21 -28.77 27.04
C PRO B 242 -9.28 -28.25 27.98
N ASN B 243 -10.43 -27.92 27.40
CA ASN B 243 -11.58 -27.41 28.13
C ASN B 243 -11.43 -26.00 28.68
N ASP B 244 -11.54 -25.02 27.79
CA ASP B 244 -11.46 -23.61 28.15
C ASP B 244 -12.80 -22.96 27.84
N ILE B 245 -12.99 -21.73 28.30
CA ILE B 245 -14.23 -21.01 28.06
C ILE B 245 -13.98 -19.51 27.90
N ALA B 246 -14.36 -18.97 26.74
CA ALA B 246 -14.15 -17.55 26.48
C ALA B 246 -15.43 -16.85 26.05
N ILE B 247 -15.67 -15.67 26.62
CA ILE B 247 -16.84 -14.88 26.27
C ILE B 247 -16.33 -13.52 25.79
N TRP B 248 -16.84 -13.04 24.65
CA TRP B 248 -16.39 -11.77 24.11
C TRP B 248 -17.55 -10.93 23.62
N ASP B 249 -17.42 -9.61 23.74
CA ASP B 249 -18.45 -8.67 23.28
C ASP B 249 -18.24 -8.56 21.76
N ASN B 250 -18.99 -9.35 21.00
CA ASN B 250 -18.86 -9.36 19.55
C ASN B 250 -19.33 -8.07 18.86
N ARG B 251 -19.64 -7.06 19.65
CA ARG B 251 -20.10 -5.78 19.10
C ARG B 251 -18.98 -4.78 18.92
N VAL B 252 -17.82 -5.06 19.52
CA VAL B 252 -16.68 -4.15 19.43
C VAL B 252 -15.35 -4.85 19.38
N THR B 253 -15.30 -6.05 18.83
CA THR B 253 -14.03 -6.76 18.74
C THR B 253 -13.91 -7.61 17.48
N GLN B 254 -12.73 -8.22 17.29
CA GLN B 254 -12.46 -9.10 16.16
C GLN B 254 -11.51 -10.17 16.68
N HIS B 255 -11.57 -11.36 16.09
CA HIS B 255 -10.69 -12.44 16.51
C HIS B 255 -10.04 -13.14 15.32
N TYR B 256 -9.03 -13.97 15.60
CA TYR B 256 -8.27 -14.66 14.55
C TYR B 256 -7.77 -15.99 15.14
N ALA B 257 -7.85 -17.07 14.35
CA ALA B 257 -7.42 -18.41 14.81
C ALA B 257 -6.30 -18.98 13.96
N ASN B 258 -5.15 -19.22 14.58
CA ASN B 258 -4.00 -19.73 13.84
C ASN B 258 -4.18 -21.10 13.15
N ALA B 259 -3.85 -21.12 11.88
CA ALA B 259 -3.94 -22.33 11.08
C ALA B 259 -2.63 -23.07 11.19
N ASP B 260 -2.27 -23.45 12.42
CA ASP B 260 -1.03 -24.18 12.63
C ASP B 260 -1.19 -25.40 13.53
N TYR B 261 -1.74 -26.48 12.98
CA TYR B 261 -1.91 -27.73 13.73
C TYR B 261 -2.20 -28.94 12.85
N LEU B 262 -2.81 -28.71 11.69
CA LEU B 262 -3.09 -29.81 10.76
C LEU B 262 -1.73 -30.48 10.58
N PRO B 263 -1.70 -31.81 10.37
CA PRO B 263 -2.83 -32.75 10.26
C PRO B 263 -3.60 -33.01 11.55
N GLN B 264 -3.10 -32.54 12.68
CA GLN B 264 -3.78 -32.77 13.95
C GLN B 264 -5.25 -32.31 13.95
N ARG B 265 -6.05 -32.92 14.80
CA ARG B 265 -7.47 -32.61 14.91
C ARG B 265 -7.75 -31.59 15.99
N ARG B 266 -8.55 -30.58 15.66
CA ARG B 266 -8.89 -29.54 16.62
C ARG B 266 -10.40 -29.41 16.53
N ILE B 267 -11.08 -29.34 17.67
CA ILE B 267 -12.53 -29.22 17.68
C ILE B 267 -13.03 -28.28 18.79
N MET B 268 -14.00 -27.43 18.44
CA MET B 268 -14.54 -26.46 19.39
C MET B 268 -16.07 -26.43 19.40
N HIS B 269 -16.63 -25.67 20.33
CA HIS B 269 -18.09 -25.50 20.48
C HIS B 269 -18.39 -24.02 20.71
N ARG B 270 -19.32 -23.43 19.95
CA ARG B 270 -19.63 -22.01 20.13
C ARG B 270 -21.11 -21.68 20.31
N ALA B 271 -21.37 -20.60 21.03
CA ALA B 271 -22.72 -20.15 21.29
C ALA B 271 -22.85 -18.71 20.80
N THR B 272 -23.44 -18.54 19.63
CA THR B 272 -23.62 -17.22 19.05
C THR B 272 -24.80 -16.51 19.73
N ILE B 273 -24.50 -15.44 20.46
CA ILE B 273 -25.52 -14.68 21.17
C ILE B 273 -25.99 -13.50 20.33
N LEU B 274 -27.21 -13.58 19.79
CA LEU B 274 -27.73 -12.49 18.98
C LEU B 274 -27.47 -11.13 19.62
N GLY B 275 -27.57 -10.09 18.81
CA GLY B 275 -27.38 -8.74 19.29
C GLY B 275 -28.47 -7.93 18.63
N ASP B 276 -28.39 -6.60 18.71
CA ASP B 276 -29.40 -5.77 18.06
C ASP B 276 -28.77 -5.13 16.82
N LYS B 277 -29.37 -4.04 16.33
CA LYS B 277 -28.84 -3.39 15.15
C LYS B 277 -27.75 -2.38 15.50
N PRO B 278 -26.56 -2.53 14.88
CA PRO B 278 -25.43 -1.63 15.13
C PRO B 278 -25.82 -0.23 14.64
N PHE B 279 -25.32 0.79 15.32
CA PHE B 279 -25.64 2.16 14.94
C PHE B 279 -24.54 3.10 15.42
N TYR B 280 -24.71 4.38 15.10
CA TYR B 280 -23.74 5.38 15.49
C TYR B 280 -24.47 6.63 15.94
N ARG B 281 -24.18 7.05 17.17
CA ARG B 281 -24.82 8.23 17.72
C ARG B 281 -23.77 9.03 18.48
N ALA B 282 -23.24 10.07 17.83
CA ALA B 282 -22.22 10.92 18.42
C ALA B 282 -22.41 11.10 19.93
N GLU C 3 -3.73 43.44 -30.97
CA GLU C 3 -4.03 42.02 -31.25
C GLU C 3 -4.09 41.16 -29.98
N ARG C 4 -5.10 40.30 -29.91
CA ARG C 4 -5.28 39.41 -28.77
C ARG C 4 -4.40 38.18 -29.00
N LEU C 5 -4.01 37.51 -27.91
CA LEU C 5 -3.22 36.31 -28.03
C LEU C 5 -4.21 35.22 -28.36
N SER C 6 -3.74 34.14 -29.00
CA SER C 6 -4.63 33.03 -29.33
C SER C 6 -4.43 31.98 -28.25
N ILE C 7 -5.48 31.73 -27.47
CA ILE C 7 -5.42 30.76 -26.39
C ILE C 7 -6.17 29.51 -26.79
N THR C 8 -5.45 28.41 -26.97
CA THR C 8 -6.10 27.17 -27.33
C THR C 8 -6.02 26.20 -26.17
N PRO C 9 -7.17 25.86 -25.56
CA PRO C 9 -7.17 24.92 -24.44
C PRO C 9 -6.69 23.54 -24.91
N LEU C 10 -5.81 22.90 -24.14
CA LEU C 10 -5.31 21.58 -24.49
C LEU C 10 -6.14 20.51 -23.80
N GLY C 11 -6.94 20.96 -22.83
CA GLY C 11 -7.80 20.09 -22.06
C GLY C 11 -8.86 20.91 -21.35
N PRO C 12 -9.88 20.27 -20.78
CA PRO C 12 -10.96 20.96 -20.07
C PRO C 12 -10.58 21.48 -18.69
N TYR C 13 -9.56 20.88 -18.08
CA TYR C 13 -9.17 21.29 -16.73
C TYR C 13 -7.80 21.95 -16.62
N ILE C 14 -6.88 21.63 -17.52
CA ILE C 14 -5.55 22.18 -17.43
C ILE C 14 -4.79 22.16 -18.74
N GLY C 15 -4.03 23.22 -19.00
CA GLY C 15 -3.23 23.29 -20.21
C GLY C 15 -3.79 24.11 -21.36
N ALA C 16 -2.93 24.91 -21.97
CA ALA C 16 -3.32 25.73 -23.10
C ALA C 16 -2.08 26.11 -23.89
N GLN C 17 -2.23 26.25 -25.19
CA GLN C 17 -1.15 26.63 -26.05
C GLN C 17 -1.52 28.04 -26.49
N ILE C 18 -0.58 28.96 -26.36
CA ILE C 18 -0.84 30.34 -26.73
C ILE C 18 -0.07 30.77 -27.96
N SER C 19 -0.69 31.63 -28.75
CA SER C 19 -0.08 32.14 -29.97
C SER C 19 -0.18 33.66 -30.09
N GLY C 20 0.72 34.27 -30.86
CA GLY C 20 0.69 35.71 -31.06
C GLY C 20 1.60 36.53 -30.18
N ALA C 21 2.35 35.87 -29.31
CA ALA C 21 3.25 36.57 -28.41
C ALA C 21 4.69 36.44 -28.88
N ASP C 22 5.50 37.46 -28.60
CA ASP C 22 6.90 37.45 -28.98
C ASP C 22 7.72 37.76 -27.76
N LEU C 23 7.88 36.74 -26.92
CA LEU C 23 8.64 36.86 -25.69
C LEU C 23 10.11 37.21 -25.89
N THR C 24 10.47 37.62 -27.10
CA THR C 24 11.86 37.99 -27.36
C THR C 24 12.01 39.50 -27.25
N ARG C 25 10.92 40.15 -26.90
CA ARG C 25 10.88 41.61 -26.75
C ARG C 25 9.67 41.97 -25.91
N PRO C 26 9.87 42.71 -24.81
CA PRO C 26 8.81 43.14 -23.90
C PRO C 26 7.42 43.11 -24.51
N LEU C 27 6.47 42.55 -23.77
CA LEU C 27 5.08 42.44 -24.22
C LEU C 27 4.27 43.66 -23.85
N SER C 28 3.25 43.95 -24.63
CA SER C 28 2.39 45.09 -24.33
C SER C 28 1.65 44.74 -23.04
N ASP C 29 0.96 45.70 -22.47
CA ASP C 29 0.23 45.47 -21.24
C ASP C 29 -0.98 44.60 -21.49
N ASN C 30 -1.65 44.82 -22.61
CA ASN C 30 -2.83 44.03 -22.96
C ASN C 30 -2.43 42.57 -23.19
N GLN C 31 -1.19 42.36 -23.64
CA GLN C 31 -0.72 40.99 -23.89
C GLN C 31 -0.32 40.32 -22.58
N PHE C 32 0.45 41.01 -21.75
CA PHE C 32 0.87 40.45 -20.48
C PHE C 32 -0.34 40.03 -19.62
N GLU C 33 -1.33 40.91 -19.55
CA GLU C 33 -2.55 40.63 -18.79
C GLU C 33 -3.21 39.37 -19.35
N GLN C 34 -3.20 39.23 -20.67
CA GLN C 34 -3.79 38.05 -21.29
C GLN C 34 -2.97 36.82 -20.98
N LEU C 35 -1.66 36.99 -20.97
CA LEU C 35 -0.75 35.89 -20.67
C LEU C 35 -0.95 35.53 -19.20
N TYR C 36 -0.94 36.55 -18.33
CA TYR C 36 -1.13 36.34 -16.90
C TYR C 36 -2.43 35.60 -16.60
N HIS C 37 -3.53 36.06 -17.19
CA HIS C 37 -4.80 35.42 -16.92
C HIS C 37 -4.92 34.02 -17.52
N ALA C 38 -4.33 33.80 -18.69
CA ALA C 38 -4.37 32.47 -19.30
C ALA C 38 -3.69 31.49 -18.33
N VAL C 39 -2.55 31.91 -17.78
CA VAL C 39 -1.83 31.06 -16.83
C VAL C 39 -2.65 30.72 -15.59
N LEU C 40 -3.31 31.70 -15.01
CA LEU C 40 -4.11 31.44 -13.83
C LEU C 40 -5.24 30.50 -14.16
N ARG C 41 -5.83 30.71 -15.33
CA ARG C 41 -6.94 29.90 -15.77
C ARG C 41 -6.58 28.48 -16.24
N HIS C 42 -5.47 28.33 -16.94
CA HIS C 42 -5.11 27.02 -17.44
C HIS C 42 -4.05 26.28 -16.63
N GLN C 43 -3.50 26.98 -15.65
CA GLN C 43 -2.48 26.44 -14.75
C GLN C 43 -1.12 26.28 -15.40
N VAL C 44 -1.11 25.94 -16.68
CA VAL C 44 0.14 25.83 -17.44
C VAL C 44 -0.17 26.12 -18.91
N VAL C 45 0.66 26.97 -19.52
CA VAL C 45 0.48 27.35 -20.92
C VAL C 45 1.77 27.13 -21.70
N PHE C 46 1.66 26.95 -23.01
CA PHE C 46 2.83 26.70 -23.85
C PHE C 46 2.93 27.63 -25.05
N LEU C 47 4.14 28.08 -25.37
CA LEU C 47 4.33 28.94 -26.54
C LEU C 47 5.49 28.35 -27.33
N ARG C 48 5.33 28.22 -28.64
CA ARG C 48 6.40 27.63 -29.45
C ARG C 48 7.16 28.69 -30.23
N ASP C 49 8.37 28.32 -30.64
CA ASP C 49 9.22 29.20 -31.42
C ASP C 49 9.46 30.53 -30.71
N GLN C 50 10.02 30.44 -29.51
CA GLN C 50 10.34 31.62 -28.72
C GLN C 50 11.81 31.55 -28.40
N ALA C 51 12.64 31.75 -29.41
CA ALA C 51 14.09 31.72 -29.23
C ALA C 51 14.49 32.89 -28.37
N ILE C 52 14.79 32.62 -27.09
CA ILE C 52 15.18 33.69 -26.18
C ILE C 52 16.50 33.46 -25.46
N THR C 53 17.07 34.57 -24.99
CA THR C 53 18.33 34.56 -24.26
C THR C 53 17.94 34.65 -22.81
N PRO C 54 18.81 34.18 -21.91
CA PRO C 54 18.57 34.21 -20.46
C PRO C 54 18.06 35.56 -19.95
N GLN C 55 18.58 36.65 -20.50
CA GLN C 55 18.17 37.98 -20.05
C GLN C 55 16.74 38.28 -20.47
N GLN C 56 16.40 37.99 -21.72
CA GLN C 56 15.05 38.20 -22.22
C GLN C 56 14.05 37.38 -21.40
N GLN C 57 14.53 36.25 -20.89
CA GLN C 57 13.71 35.36 -20.08
C GLN C 57 13.56 36.00 -18.71
N ARG C 58 14.68 36.35 -18.09
CA ARG C 58 14.67 36.98 -16.78
C ARG C 58 13.77 38.20 -16.80
N ALA C 59 13.78 38.93 -17.92
CA ALA C 59 12.97 40.15 -18.08
C ALA C 59 11.49 39.83 -18.08
N LEU C 60 11.12 38.74 -18.74
CA LEU C 60 9.73 38.33 -18.80
C LEU C 60 9.24 37.94 -17.41
N ALA C 61 10.11 37.33 -16.62
CA ALA C 61 9.76 36.89 -15.28
C ALA C 61 9.67 38.04 -14.28
N GLN C 62 10.60 39.00 -14.36
CA GLN C 62 10.59 40.16 -13.46
C GLN C 62 9.24 40.87 -13.54
N ARG C 63 8.53 40.62 -14.63
CA ARG C 63 7.23 41.23 -14.81
C ARG C 63 6.18 40.54 -13.95
N PHE C 64 6.49 39.34 -13.48
CA PHE C 64 5.55 38.62 -12.63
C PHE C 64 5.87 38.81 -11.16
N GLY C 65 7.14 39.11 -10.86
CA GLY C 65 7.54 39.32 -9.48
C GLY C 65 9.03 39.11 -9.26
N GLU C 66 9.41 38.96 -8.00
CA GLU C 66 10.80 38.76 -7.63
C GLU C 66 11.23 37.36 -8.06
N LEU C 67 12.50 37.22 -8.43
CA LEU C 67 13.02 35.94 -8.87
C LEU C 67 13.72 35.21 -7.73
N HIS C 68 13.45 33.93 -7.60
CA HIS C 68 14.06 33.12 -6.56
C HIS C 68 15.39 32.59 -7.07
N ILE C 69 16.37 32.51 -6.18
CA ILE C 69 17.69 32.02 -6.55
C ILE C 69 17.79 30.64 -5.94
N HIS C 70 17.88 29.63 -6.80
CA HIS C 70 17.95 28.26 -6.32
C HIS C 70 19.26 28.03 -5.55
N PRO C 71 19.20 27.21 -4.47
CA PRO C 71 20.34 26.86 -3.61
C PRO C 71 21.30 25.79 -4.13
N VAL C 72 20.84 24.98 -5.07
CA VAL C 72 21.66 23.90 -5.62
C VAL C 72 21.99 24.02 -7.10
N TYR C 73 20.98 24.27 -7.92
CA TYR C 73 21.17 24.35 -9.37
C TYR C 73 22.06 25.48 -9.84
N PRO C 74 22.90 25.20 -10.86
CA PRO C 74 23.82 26.17 -11.46
C PRO C 74 22.96 27.20 -12.15
N HIS C 75 23.54 28.32 -12.54
CA HIS C 75 22.75 29.35 -13.21
C HIS C 75 23.32 29.64 -14.60
N ALA C 76 22.57 30.40 -15.38
CA ALA C 76 22.97 30.76 -16.73
C ALA C 76 24.15 31.72 -16.63
N GLU C 77 25.03 31.66 -17.63
CA GLU C 77 26.20 32.53 -17.65
C GLU C 77 25.81 34.01 -17.59
N GLY C 78 26.02 34.62 -16.43
CA GLY C 78 25.70 36.02 -16.28
C GLY C 78 24.35 36.33 -15.65
N VAL C 79 23.44 35.36 -15.64
CA VAL C 79 22.12 35.57 -15.05
C VAL C 79 21.86 34.66 -13.87
N ASP C 80 22.18 35.15 -12.68
CA ASP C 80 22.03 34.38 -11.43
C ASP C 80 20.62 33.86 -11.19
N GLU C 81 19.61 34.55 -11.74
CA GLU C 81 18.22 34.15 -11.55
C GLU C 81 17.76 33.02 -12.48
N ILE C 82 18.51 32.76 -13.54
CA ILE C 82 18.17 31.71 -14.51
C ILE C 82 18.98 30.45 -14.23
N ILE C 83 18.32 29.39 -13.78
CA ILE C 83 19.03 28.16 -13.51
C ILE C 83 19.14 27.31 -14.77
N VAL C 84 20.26 26.62 -14.91
CA VAL C 84 20.45 25.77 -16.07
C VAL C 84 20.32 24.32 -15.64
N LEU C 85 19.48 23.59 -16.35
CA LEU C 85 19.30 22.18 -16.07
C LEU C 85 19.94 21.47 -17.26
N ASP C 86 21.23 21.22 -17.14
CA ASP C 86 22.01 20.56 -18.18
C ASP C 86 22.09 19.10 -17.75
N THR C 87 21.32 18.26 -18.42
CA THR C 87 21.27 16.86 -18.10
C THR C 87 21.99 15.97 -19.12
N HIS C 88 22.61 14.91 -18.63
CA HIS C 88 23.37 13.96 -19.46
C HIS C 88 23.97 12.87 -18.59
N ASN C 89 24.87 12.07 -19.16
CA ASN C 89 25.50 10.97 -18.40
C ASN C 89 26.17 11.36 -17.10
N ASP C 90 26.94 12.45 -17.12
CA ASP C 90 27.64 12.91 -15.92
C ASP C 90 26.71 13.61 -14.95
N ASN C 91 25.53 13.99 -15.45
CA ASN C 91 24.54 14.67 -14.63
C ASN C 91 23.15 14.24 -15.05
N PRO C 92 22.71 13.07 -14.59
CA PRO C 92 21.39 12.52 -14.92
C PRO C 92 20.24 13.37 -14.35
N PRO C 93 19.07 13.32 -15.01
CA PRO C 93 17.87 14.07 -14.60
C PRO C 93 17.45 13.68 -13.20
N ASP C 94 16.95 14.64 -12.43
CA ASP C 94 16.49 14.40 -11.07
C ASP C 94 15.05 14.90 -10.87
N ASN C 95 14.40 15.23 -11.98
CA ASN C 95 13.03 15.72 -11.95
C ASN C 95 11.99 14.74 -12.48
N ASP C 96 12.34 13.45 -12.49
CA ASP C 96 11.43 12.41 -12.96
C ASP C 96 10.66 11.85 -11.75
N ASN C 97 9.99 12.77 -11.06
CA ASN C 97 9.16 12.48 -9.90
C ASN C 97 8.14 13.62 -9.87
N TRP C 98 6.99 13.40 -9.24
CA TRP C 98 5.97 14.43 -9.18
C TRP C 98 6.28 15.46 -8.09
N HIS C 99 6.58 16.69 -8.50
CA HIS C 99 6.87 17.70 -7.52
C HIS C 99 6.32 19.08 -7.86
N THR C 100 6.32 19.94 -6.85
CA THR C 100 5.92 21.33 -6.97
C THR C 100 7.26 21.96 -6.62
N ASP C 101 7.74 22.88 -7.44
CA ASP C 101 9.05 23.48 -7.18
C ASP C 101 9.23 24.25 -5.88
N VAL C 102 10.35 23.98 -5.23
CA VAL C 102 10.73 24.69 -4.01
C VAL C 102 9.61 24.89 -2.96
N THR C 103 8.94 23.82 -2.54
CA THR C 103 7.89 24.00 -1.54
C THR C 103 8.51 23.94 -0.15
N PHE C 104 9.84 23.80 -0.13
CA PHE C 104 10.60 23.72 1.10
C PHE C 104 10.99 25.09 1.65
N ILE C 105 10.30 26.14 1.20
CA ILE C 105 10.57 27.49 1.70
C ILE C 105 9.22 28.04 2.15
N GLU C 106 9.24 29.07 3.00
CA GLU C 106 7.99 29.64 3.49
C GLU C 106 7.15 30.20 2.36
N THR C 107 7.81 30.78 1.35
N THR C 107 7.83 30.74 1.36
CA THR C 107 7.09 31.36 0.21
CA THR C 107 7.18 31.35 0.21
C THR C 107 7.41 30.62 -1.08
C THR C 107 7.48 30.58 -1.07
N PRO C 108 6.79 29.44 -1.29
CA PRO C 108 7.04 28.65 -2.50
C PRO C 108 6.72 29.47 -3.75
N PRO C 109 7.52 29.30 -4.81
CA PRO C 109 7.35 30.00 -6.08
C PRO C 109 5.89 30.04 -6.55
N ALA C 110 5.46 31.17 -7.08
CA ALA C 110 4.10 31.29 -7.58
C ALA C 110 4.01 30.73 -8.99
N GLY C 111 5.15 30.67 -9.68
CA GLY C 111 5.16 30.17 -11.04
C GLY C 111 6.57 30.07 -11.57
N ALA C 112 6.72 29.51 -12.76
CA ALA C 112 8.04 29.37 -13.35
C ALA C 112 7.98 29.51 -14.86
N ILE C 113 9.12 29.79 -15.46
CA ILE C 113 9.21 29.94 -16.91
C ILE C 113 10.39 29.09 -17.40
N LEU C 114 10.05 28.05 -18.15
CA LEU C 114 11.04 27.11 -18.67
C LEU C 114 11.19 27.25 -20.18
N ALA C 115 12.43 27.36 -20.65
CA ALA C 115 12.71 27.49 -22.08
C ALA C 115 13.60 26.33 -22.48
N ALA C 116 13.23 25.63 -23.55
CA ALA C 116 14.00 24.49 -24.04
C ALA C 116 15.13 24.97 -24.93
N LYS C 117 16.37 24.76 -24.50
CA LYS C 117 17.54 25.20 -25.26
C LYS C 117 17.97 24.21 -26.34
N GLU C 118 18.41 23.02 -25.92
CA GLU C 118 18.83 21.94 -26.84
C GLU C 118 18.03 20.71 -26.39
N LEU C 119 17.56 19.90 -27.34
CA LEU C 119 16.76 18.73 -27.00
C LEU C 119 17.17 17.42 -27.69
N PRO C 120 16.85 16.27 -27.05
CA PRO C 120 17.19 14.96 -27.62
C PRO C 120 16.30 14.72 -28.84
N SER C 121 16.65 13.72 -29.65
CA SER C 121 15.88 13.40 -30.85
C SER C 121 14.42 13.11 -30.48
N THR C 122 14.23 12.50 -29.32
CA THR C 122 12.91 12.13 -28.84
C THR C 122 12.97 11.95 -27.31
N GLY C 123 11.82 11.92 -26.65
CA GLY C 123 11.81 11.76 -25.21
C GLY C 123 11.96 13.09 -24.45
N GLY C 124 11.91 13.02 -23.13
CA GLY C 124 12.04 14.23 -22.33
C GLY C 124 10.72 14.95 -22.08
N ASP C 125 9.62 14.30 -22.40
CA ASP C 125 8.29 14.86 -22.20
C ASP C 125 8.15 15.36 -20.75
N THR C 126 7.43 16.46 -20.56
CA THR C 126 7.19 16.98 -19.21
C THR C 126 5.70 17.04 -19.01
N LEU C 127 5.25 16.55 -17.87
CA LEU C 127 3.83 16.52 -17.56
C LEU C 127 3.46 17.42 -16.38
N TRP C 128 2.23 17.95 -16.40
CA TRP C 128 1.72 18.79 -15.33
C TRP C 128 0.40 18.22 -14.82
N THR C 129 0.24 18.11 -13.51
CA THR C 129 -1.01 17.62 -12.95
C THR C 129 -1.64 18.76 -12.12
N SER C 130 -2.96 18.88 -12.22
CA SER C 130 -3.71 19.92 -11.55
C SER C 130 -4.18 19.64 -10.14
N GLY C 131 -3.78 20.50 -9.21
CA GLY C 131 -4.17 20.33 -7.81
C GLY C 131 -5.63 20.70 -7.61
N ILE C 132 -6.12 21.63 -8.40
CA ILE C 132 -7.52 22.03 -8.31
C ILE C 132 -8.38 20.84 -8.72
N ALA C 133 -8.14 20.31 -9.92
CA ALA C 133 -8.89 19.16 -10.44
C ALA C 133 -8.79 17.91 -9.54
N ALA C 134 -7.62 17.67 -8.97
CA ALA C 134 -7.46 16.52 -8.11
C ALA C 134 -8.31 16.68 -6.85
N TYR C 135 -8.42 17.93 -6.37
CA TYR C 135 -9.22 18.22 -5.18
C TYR C 135 -10.71 18.05 -5.43
N GLU C 136 -11.17 18.41 -6.63
CA GLU C 136 -12.57 18.29 -7.00
C GLU C 136 -13.00 16.83 -7.05
N ALA C 137 -12.07 15.96 -7.42
CA ALA C 137 -12.34 14.53 -7.54
C ALA C 137 -12.41 13.77 -6.22
N LEU C 138 -12.10 14.45 -5.12
CA LEU C 138 -12.16 13.80 -3.81
C LEU C 138 -13.62 13.79 -3.36
N SER C 139 -14.00 12.78 -2.58
CA SER C 139 -15.36 12.75 -2.09
C SER C 139 -15.42 13.75 -0.95
N VAL C 140 -16.62 14.26 -0.67
CA VAL C 140 -16.79 15.23 0.40
C VAL C 140 -16.09 14.83 1.69
N PRO C 141 -16.23 13.56 2.11
CA PRO C 141 -15.56 13.17 3.35
C PRO C 141 -14.05 13.44 3.33
N PHE C 142 -13.41 13.12 2.21
CA PHE C 142 -11.98 13.34 2.09
C PHE C 142 -11.66 14.81 1.98
N ARG C 143 -12.52 15.57 1.30
CA ARG C 143 -12.30 17.01 1.17
C ARG C 143 -12.26 17.63 2.57
N GLN C 144 -13.20 17.24 3.42
CA GLN C 144 -13.28 17.76 4.79
C GLN C 144 -12.15 17.25 5.67
N LEU C 145 -11.70 16.03 5.41
CA LEU C 145 -10.61 15.41 6.17
C LEU C 145 -9.29 16.11 5.90
N LEU C 146 -9.04 16.43 4.63
CA LEU C 146 -7.80 17.08 4.24
C LEU C 146 -7.83 18.61 4.40
N SER C 147 -8.99 19.22 4.20
CA SER C 147 -9.07 20.67 4.36
C SER C 147 -8.73 21.05 5.80
N GLY C 148 -7.64 21.80 5.96
CA GLY C 148 -7.24 22.22 7.29
C GLY C 148 -6.00 21.54 7.82
N LEU C 149 -5.59 20.42 7.22
CA LEU C 149 -4.40 19.71 7.69
C LEU C 149 -3.11 20.38 7.20
N ARG C 150 -2.00 20.05 7.85
CA ARG C 150 -0.70 20.62 7.48
C ARG C 150 0.27 19.49 7.23
N ALA C 151 1.19 19.71 6.31
CA ALA C 151 2.18 18.71 6.00
C ALA C 151 3.57 19.30 6.02
N GLU C 152 4.55 18.47 6.31
CA GLU C 152 5.92 18.91 6.36
C GLU C 152 6.57 18.74 5.00
N HIS C 153 7.27 19.79 4.55
CA HIS C 153 7.99 19.78 3.29
C HIS C 153 9.47 19.87 3.64
N ASP C 154 10.23 18.88 3.20
CA ASP C 154 11.64 18.80 3.51
C ASP C 154 12.53 18.91 2.26
N PHE C 155 13.40 19.91 2.24
CA PHE C 155 14.32 20.11 1.12
C PHE C 155 15.14 18.84 0.86
N ARG C 156 15.51 18.15 1.94
CA ARG C 156 16.32 16.95 1.83
C ARG C 156 15.68 15.75 1.16
N LYS C 157 14.37 15.78 0.97
CA LYS C 157 13.72 14.62 0.34
C LYS C 157 14.03 14.49 -1.14
N SER C 158 14.23 15.60 -1.83
CA SER C 158 14.54 15.54 -3.24
C SER C 158 16.00 15.87 -3.52
N PHE C 159 16.71 16.21 -2.46
CA PHE C 159 18.13 16.51 -2.54
C PHE C 159 18.78 15.79 -1.36
N PRO C 160 18.87 14.44 -1.44
CA PRO C 160 19.47 13.65 -0.37
C PRO C 160 20.94 14.02 -0.21
N GLU C 161 21.46 13.96 1.00
CA GLU C 161 22.85 14.30 1.23
C GLU C 161 23.82 13.36 0.52
N TYR C 162 23.51 12.06 0.50
CA TYR C 162 24.37 11.08 -0.16
C TYR C 162 24.70 11.47 -1.61
N LYS C 163 23.91 12.37 -2.19
CA LYS C 163 24.11 12.81 -3.56
C LYS C 163 25.13 13.93 -3.67
N TYR C 164 25.24 14.72 -2.60
CA TYR C 164 26.18 15.84 -2.61
C TYR C 164 27.36 15.65 -1.65
N ARG C 165 28.00 14.50 -1.73
CA ARG C 165 29.14 14.21 -0.88
C ARG C 165 30.16 13.41 -1.68
N LYS C 166 30.36 13.82 -2.94
CA LYS C 166 31.33 13.18 -3.83
C LYS C 166 32.67 13.25 -3.11
N THR C 167 32.83 14.30 -2.32
CA THR C 167 34.04 14.52 -1.56
C THR C 167 33.63 14.98 -0.16
N GLU C 168 34.05 16.19 0.21
CA GLU C 168 33.73 16.74 1.51
C GLU C 168 33.50 18.24 1.40
N GLU C 169 34.16 18.89 0.44
CA GLU C 169 33.99 20.33 0.23
C GLU C 169 32.75 20.52 -0.62
N GLU C 170 31.79 19.62 -0.42
CA GLU C 170 30.52 19.63 -1.15
C GLU C 170 29.47 19.23 -0.12
N HIS C 171 29.81 18.23 0.70
CA HIS C 171 28.90 17.76 1.73
C HIS C 171 28.71 18.85 2.77
N GLN C 172 29.70 19.72 2.91
CA GLN C 172 29.62 20.83 3.88
C GLN C 172 28.72 21.91 3.27
N ARG C 173 29.06 22.34 2.06
CA ARG C 173 28.29 23.34 1.35
C ARG C 173 26.84 22.86 1.31
N TRP C 174 26.68 21.53 1.28
CA TRP C 174 25.36 20.90 1.26
C TRP C 174 24.58 21.22 2.54
N ARG C 175 25.21 20.93 3.68
CA ARG C 175 24.61 21.15 4.99
C ARG C 175 24.12 22.59 5.15
N GLU C 176 24.72 23.50 4.40
CA GLU C 176 24.36 24.90 4.47
C GLU C 176 23.11 25.20 3.65
N ALA C 177 22.77 24.29 2.73
CA ALA C 177 21.57 24.46 1.92
C ALA C 177 20.43 23.87 2.76
N VAL C 178 20.80 23.00 3.70
CA VAL C 178 19.84 22.37 4.62
C VAL C 178 19.57 23.39 5.73
N ALA C 179 20.65 23.96 6.24
CA ALA C 179 20.57 24.95 7.31
C ALA C 179 19.70 26.14 6.92
N LYS C 180 19.90 26.65 5.71
CA LYS C 180 19.13 27.81 5.24
C LYS C 180 17.73 27.41 4.81
N ASN C 181 17.46 26.10 4.76
CA ASN C 181 16.15 25.60 4.34
C ASN C 181 15.66 24.45 5.21
N PRO C 182 15.17 24.76 6.41
CA PRO C 182 14.68 23.75 7.35
C PRO C 182 13.25 23.28 7.06
N PRO C 183 12.94 22.02 7.40
CA PRO C 183 11.61 21.49 7.17
C PRO C 183 10.56 22.44 7.72
N LEU C 184 9.51 22.73 6.95
CA LEU C 184 8.46 23.62 7.43
C LEU C 184 7.08 23.06 7.10
N LEU C 185 6.05 23.81 7.41
CA LEU C 185 4.70 23.34 7.17
C LEU C 185 3.93 24.18 6.16
N HIS C 186 3.14 23.49 5.35
CA HIS C 186 2.27 24.13 4.36
C HIS C 186 0.94 23.39 4.42
N PRO C 187 -0.16 24.10 4.14
CA PRO C 187 -1.48 23.47 4.18
C PRO C 187 -1.48 22.27 3.23
N VAL C 188 -2.41 21.34 3.43
CA VAL C 188 -2.51 20.17 2.57
C VAL C 188 -3.39 20.60 1.41
N VAL C 189 -4.50 21.26 1.74
CA VAL C 189 -5.43 21.80 0.75
C VAL C 189 -5.19 23.31 0.74
N ARG C 190 -4.60 23.80 -0.34
CA ARG C 190 -4.28 25.21 -0.50
C ARG C 190 -5.35 26.00 -1.25
N THR C 191 -5.60 27.22 -0.78
CA THR C 191 -6.57 28.11 -1.41
C THR C 191 -5.79 29.05 -2.33
N HIS C 192 -6.24 29.21 -3.56
CA HIS C 192 -5.53 30.09 -4.49
C HIS C 192 -5.69 31.54 -4.05
N PRO C 193 -4.57 32.28 -3.94
CA PRO C 193 -4.57 33.68 -3.52
C PRO C 193 -5.44 34.59 -4.39
N VAL C 194 -5.57 34.24 -5.66
CA VAL C 194 -6.36 35.06 -6.57
C VAL C 194 -7.71 34.44 -6.86
N SER C 195 -7.71 33.24 -7.43
CA SER C 195 -8.95 32.58 -7.79
C SER C 195 -9.82 32.17 -6.61
N GLY C 196 -9.19 31.81 -5.50
CA GLY C 196 -9.94 31.36 -4.35
C GLY C 196 -10.21 29.85 -4.39
N LYS C 197 -9.98 29.22 -5.52
CA LYS C 197 -10.23 27.78 -5.64
C LYS C 197 -9.31 26.96 -4.73
N GLN C 198 -9.85 25.86 -4.21
CA GLN C 198 -9.09 24.98 -3.34
C GLN C 198 -8.33 23.95 -4.19
N ALA C 199 -7.11 23.67 -3.79
CA ALA C 199 -6.28 22.72 -4.53
C ALA C 199 -5.45 21.87 -3.59
N LEU C 200 -5.24 20.61 -3.97
CA LEU C 200 -4.38 19.72 -3.18
C LEU C 200 -3.00 20.33 -3.29
N PHE C 201 -2.31 20.48 -2.16
CA PHE C 201 -0.97 21.07 -2.19
C PHE C 201 0.12 20.24 -1.48
N VAL C 202 0.29 19.00 -1.90
CA VAL C 202 1.35 18.16 -1.34
C VAL C 202 2.05 17.62 -2.57
N ASN C 203 3.29 17.20 -2.43
CA ASN C 203 3.99 16.68 -3.58
C ASN C 203 5.05 15.70 -3.15
N GLU C 204 5.13 14.59 -3.86
CA GLU C 204 6.07 13.53 -3.56
C GLU C 204 7.51 13.99 -3.44
N GLY C 205 7.88 14.96 -4.25
CA GLY C 205 9.24 15.47 -4.21
C GLY C 205 9.69 16.00 -2.85
N PHE C 206 8.82 16.73 -2.15
CA PHE C 206 9.20 17.30 -0.87
C PHE C 206 8.37 16.96 0.38
N THR C 207 7.12 16.55 0.20
CA THR C 207 6.29 16.27 1.36
C THR C 207 6.69 14.99 2.08
N THR C 208 6.92 15.09 3.38
CA THR C 208 7.35 13.96 4.20
C THR C 208 6.21 13.31 4.98
N ARG C 209 5.33 14.12 5.53
CA ARG C 209 4.22 13.60 6.32
C ARG C 209 3.23 14.68 6.69
N ILE C 210 2.02 14.26 7.02
CA ILE C 210 0.97 15.17 7.43
C ILE C 210 1.05 15.12 8.95
N VAL C 211 1.29 16.28 9.57
CA VAL C 211 1.46 16.36 11.02
C VAL C 211 0.20 16.25 11.86
N ASP C 212 -0.93 16.70 11.33
CA ASP C 212 -2.18 16.64 12.07
C ASP C 212 -2.84 15.25 12.16
N VAL C 213 -2.11 14.21 11.74
CA VAL C 213 -2.58 12.83 11.80
C VAL C 213 -1.41 11.96 12.24
N SER C 214 -1.70 10.72 12.63
CA SER C 214 -0.64 9.84 13.10
C SER C 214 0.27 9.51 11.95
N GLU C 215 1.42 8.91 12.26
CA GLU C 215 2.36 8.53 11.24
C GLU C 215 1.73 7.52 10.27
N LYS C 216 1.23 6.41 10.80
CA LYS C 216 0.59 5.38 9.98
C LYS C 216 -0.50 6.00 9.16
N GLU C 217 -1.31 6.82 9.80
CA GLU C 217 -2.39 7.51 9.13
C GLU C 217 -1.81 8.34 7.99
N SER C 218 -0.76 9.10 8.31
CA SER C 218 -0.09 9.95 7.34
C SER C 218 0.37 9.14 6.13
N GLU C 219 1.00 7.99 6.39
CA GLU C 219 1.48 7.13 5.32
C GLU C 219 0.34 6.71 4.42
N ALA C 220 -0.75 6.25 5.01
CA ALA C 220 -1.89 5.83 4.21
C ALA C 220 -2.42 6.92 3.28
N LEU C 221 -2.58 8.12 3.80
CA LEU C 221 -3.09 9.23 3.01
C LEU C 221 -2.12 9.72 1.94
N LEU C 222 -0.85 9.88 2.29
CA LEU C 222 0.13 10.34 1.30
C LEU C 222 0.26 9.30 0.21
N SER C 223 0.10 8.04 0.60
CA SER C 223 0.20 6.96 -0.36
C SER C 223 -0.96 7.02 -1.33
N PHE C 224 -2.11 7.42 -0.81
CA PHE C 224 -3.30 7.53 -1.61
C PHE C 224 -3.20 8.75 -2.51
N LEU C 225 -2.76 9.88 -1.93
CA LEU C 225 -2.63 11.13 -2.65
C LEU C 225 -1.53 11.12 -3.71
N PHE C 226 -0.38 10.53 -3.38
CA PHE C 226 0.73 10.45 -4.34
C PHE C 226 0.34 9.66 -5.59
N ALA C 227 -0.63 8.76 -5.48
CA ALA C 227 -1.09 7.98 -6.63
C ALA C 227 -2.32 8.66 -7.24
N HIS C 228 -3.11 9.33 -6.41
CA HIS C 228 -4.31 10.00 -6.86
C HIS C 228 -4.01 11.07 -7.89
N ILE C 229 -3.02 11.91 -7.61
CA ILE C 229 -2.68 12.99 -8.54
C ILE C 229 -2.09 12.54 -9.87
N THR C 230 -1.85 11.25 -10.05
CA THR C 230 -1.30 10.76 -11.31
C THR C 230 -2.39 10.39 -12.32
N LYS C 231 -3.67 10.52 -11.94
CA LYS C 231 -4.78 10.22 -12.85
C LYS C 231 -4.60 11.00 -14.16
N PRO C 232 -4.82 10.35 -15.30
CA PRO C 232 -4.67 11.06 -16.57
C PRO C 232 -5.54 12.32 -16.76
N GLU C 233 -6.79 12.28 -16.35
CA GLU C 233 -7.62 13.47 -16.54
C GLU C 233 -7.21 14.69 -15.75
N PHE C 234 -6.25 14.55 -14.85
CA PHE C 234 -5.79 15.69 -14.05
C PHE C 234 -4.59 16.34 -14.70
N GLN C 235 -4.12 15.76 -15.81
CA GLN C 235 -2.92 16.26 -16.44
C GLN C 235 -2.97 16.77 -17.86
N VAL C 236 -1.79 17.22 -18.28
CA VAL C 236 -1.53 17.70 -19.61
C VAL C 236 -0.09 17.22 -19.87
N ARG C 237 0.19 16.76 -21.08
CA ARG C 237 1.52 16.27 -21.41
C ARG C 237 2.04 17.05 -22.59
N TRP C 238 3.29 17.48 -22.49
CA TRP C 238 3.89 18.29 -23.54
C TRP C 238 5.11 17.63 -24.14
N ARG C 239 5.15 17.58 -25.46
CA ARG C 239 6.30 17.03 -26.16
C ARG C 239 7.07 18.25 -26.65
N TRP C 240 8.31 18.37 -26.21
CA TRP C 240 9.14 19.50 -26.55
C TRP C 240 9.74 19.62 -27.94
N GLN C 241 9.81 20.86 -28.44
N GLN C 241 9.82 20.86 -28.40
CA GLN C 241 10.44 21.16 -29.72
CA GLN C 241 10.41 21.23 -29.69
C GLN C 241 11.33 22.34 -29.35
C GLN C 241 11.34 22.38 -29.33
N PRO C 242 12.49 22.48 -30.00
CA PRO C 242 13.42 23.58 -29.70
C PRO C 242 12.80 24.96 -29.64
N ASN C 243 13.13 25.70 -28.57
CA ASN C 243 12.65 27.06 -28.36
C ASN C 243 11.21 27.17 -27.86
N ASP C 244 10.74 26.13 -27.18
CA ASP C 244 9.41 26.12 -26.60
C ASP C 244 9.49 26.92 -25.31
N ILE C 245 8.38 27.47 -24.86
CA ILE C 245 8.35 28.21 -23.61
C ILE C 245 7.17 27.66 -22.82
N ALA C 246 7.37 27.41 -21.54
CA ALA C 246 6.31 26.89 -20.69
C ALA C 246 6.24 27.72 -19.42
N ILE C 247 5.06 28.28 -19.17
CA ILE C 247 4.84 29.09 -17.98
C ILE C 247 3.74 28.40 -17.18
N TRP C 248 3.95 28.24 -15.88
CA TRP C 248 2.93 27.56 -15.08
C TRP C 248 2.77 28.15 -13.70
N ASP C 249 1.61 27.90 -13.11
CA ASP C 249 1.28 28.38 -11.79
C ASP C 249 1.72 27.30 -10.78
N ASN C 250 2.87 27.51 -10.15
CA ASN C 250 3.42 26.55 -9.20
C ASN C 250 2.65 26.44 -7.89
N ARG C 251 1.61 27.25 -7.74
CA ARG C 251 0.81 27.23 -6.52
C ARG C 251 -0.24 26.11 -6.51
N VAL C 252 -0.63 25.62 -7.68
CA VAL C 252 -1.65 24.58 -7.70
C VAL C 252 -1.35 23.42 -8.65
N THR C 253 -0.09 23.22 -8.99
CA THR C 253 0.26 22.14 -9.89
C THR C 253 1.47 21.34 -9.40
N GLN C 254 1.75 20.26 -10.12
CA GLN C 254 2.92 19.43 -9.87
C GLN C 254 3.34 19.09 -11.29
N HIS C 255 4.61 18.80 -11.50
CA HIS C 255 5.06 18.42 -12.81
C HIS C 255 6.05 17.29 -12.72
N TYR C 256 6.23 16.63 -13.84
CA TYR C 256 7.08 15.47 -13.94
C TYR C 256 7.83 15.55 -15.26
N ALA C 257 9.15 15.47 -15.18
CA ALA C 257 10.00 15.51 -16.37
C ALA C 257 10.57 14.11 -16.61
N ASN C 258 10.18 13.50 -17.72
CA ASN C 258 10.63 12.15 -18.05
C ASN C 258 12.13 11.98 -18.21
N ALA C 259 12.67 10.97 -17.56
CA ALA C 259 14.10 10.66 -17.64
C ALA C 259 14.21 9.45 -18.58
N ASP C 260 14.13 9.70 -19.88
CA ASP C 260 14.17 8.62 -20.84
C ASP C 260 14.94 8.96 -22.09
N TYR C 261 16.00 9.74 -21.96
CA TYR C 261 16.75 10.14 -23.14
C TYR C 261 18.25 9.96 -23.07
N LEU C 262 18.79 9.63 -21.90
CA LEU C 262 20.23 9.43 -21.80
C LEU C 262 20.61 8.30 -22.77
N PRO C 263 21.87 8.29 -23.26
CA PRO C 263 22.94 9.25 -22.96
C PRO C 263 22.88 10.57 -23.72
N GLN C 264 21.74 10.87 -24.34
CA GLN C 264 21.64 12.15 -25.05
C GLN C 264 21.62 13.31 -24.05
N ARG C 265 21.86 14.52 -24.53
CA ARG C 265 21.91 15.69 -23.67
C ARG C 265 20.70 16.58 -23.82
N ARG C 266 20.25 17.14 -22.71
CA ARG C 266 19.08 18.01 -22.68
C ARG C 266 19.39 19.22 -21.80
N ILE C 267 19.06 20.41 -22.31
CA ILE C 267 19.33 21.64 -21.57
C ILE C 267 18.13 22.58 -21.49
N MET C 268 17.70 22.83 -20.27
CA MET C 268 16.56 23.71 -20.03
C MET C 268 16.96 24.89 -19.14
N HIS C 269 16.31 26.03 -19.34
CA HIS C 269 16.56 27.23 -18.53
C HIS C 269 15.28 27.63 -17.82
N ARG C 270 15.36 27.86 -16.51
CA ARG C 270 14.20 28.22 -15.74
C ARG C 270 14.29 29.48 -14.89
N ALA C 271 13.24 30.30 -14.99
CA ALA C 271 13.12 31.53 -14.22
C ALA C 271 12.11 31.08 -13.16
N THR C 272 12.30 31.48 -11.92
CA THR C 272 11.40 31.09 -10.84
C THR C 272 10.84 32.33 -10.16
N ILE C 273 9.53 32.45 -10.12
CA ILE C 273 8.91 33.61 -9.51
C ILE C 273 8.45 33.36 -8.07
N LEU C 274 9.08 34.05 -7.14
N LEU C 274 9.09 34.04 -7.13
CA LEU C 274 8.78 33.91 -5.72
CA LEU C 274 8.76 33.88 -5.72
C LEU C 274 7.28 34.20 -5.51
C LEU C 274 7.27 34.18 -5.53
N GLY C 275 6.64 33.40 -4.66
CA GLY C 275 5.23 33.59 -4.39
C GLY C 275 5.02 34.18 -3.01
N ASP C 276 3.95 33.79 -2.33
CA ASP C 276 3.70 34.28 -0.98
C ASP C 276 3.34 33.08 -0.12
N LYS C 277 3.25 33.29 1.20
CA LYS C 277 2.94 32.21 2.13
C LYS C 277 1.64 31.46 1.76
N PRO C 278 1.73 30.13 1.60
CA PRO C 278 0.56 29.30 1.26
C PRO C 278 -0.39 29.28 2.46
N PHE C 279 -1.68 29.32 2.18
CA PHE C 279 -2.69 29.31 3.24
C PHE C 279 -3.99 28.64 2.78
N TYR C 280 -4.84 28.32 3.74
CA TYR C 280 -6.12 27.70 3.47
C TYR C 280 -7.22 28.52 4.14
N ARG C 281 -8.26 28.84 3.39
CA ARG C 281 -9.37 29.63 3.90
C ARG C 281 -10.71 29.15 3.34
N ALA C 282 -11.58 28.70 4.23
CA ALA C 282 -12.88 28.21 3.83
C ALA C 282 -13.70 29.34 3.23
N GLU D 3 5.61 5.61 -52.90
CA GLU D 3 5.88 6.65 -51.85
C GLU D 3 5.95 6.04 -50.45
N ARG D 4 7.13 6.13 -49.86
CA ARG D 4 7.38 5.62 -48.52
C ARG D 4 6.55 6.45 -47.53
N LEU D 5 6.02 5.79 -46.49
CA LEU D 5 5.23 6.50 -45.47
C LEU D 5 6.16 7.25 -44.54
N SER D 6 5.67 8.33 -43.94
CA SER D 6 6.48 9.10 -43.01
C SER D 6 6.20 8.59 -41.59
N ILE D 7 7.22 8.13 -40.89
CA ILE D 7 7.04 7.60 -39.55
C ILE D 7 7.71 8.48 -38.52
N THR D 8 6.94 9.27 -37.79
CA THR D 8 7.49 10.16 -36.78
C THR D 8 7.26 9.57 -35.39
N PRO D 9 8.34 9.14 -34.74
CA PRO D 9 8.19 8.56 -33.39
C PRO D 9 7.71 9.64 -32.42
N LEU D 10 6.87 9.26 -31.47
CA LEU D 10 6.37 10.19 -30.48
C LEU D 10 7.11 10.03 -29.16
N GLY D 11 8.04 9.08 -29.13
CA GLY D 11 8.84 8.81 -27.95
C GLY D 11 9.85 7.70 -28.20
N PRO D 12 10.76 7.43 -27.25
CA PRO D 12 11.74 6.37 -27.48
C PRO D 12 11.18 4.95 -27.33
N TYR D 13 10.10 4.78 -26.57
CA TYR D 13 9.52 3.47 -26.33
C TYR D 13 8.20 3.11 -26.99
N ILE D 14 7.32 4.07 -27.14
CA ILE D 14 5.99 3.80 -27.70
C ILE D 14 5.33 4.98 -28.39
N GLY D 15 4.52 4.66 -29.39
CA GLY D 15 3.77 5.67 -30.13
C GLY D 15 4.49 6.33 -31.28
N ALA D 16 3.76 6.58 -32.35
CA ALA D 16 4.33 7.22 -33.52
C ALA D 16 3.19 7.74 -34.37
N GLN D 17 3.45 8.80 -35.11
CA GLN D 17 2.44 9.39 -36.00
C GLN D 17 2.92 9.13 -37.43
N ILE D 18 2.02 8.62 -38.25
N ILE D 18 2.05 8.58 -38.26
CA ILE D 18 2.35 8.28 -39.64
CA ILE D 18 2.47 8.32 -39.64
C ILE D 18 1.61 9.17 -40.63
C ILE D 18 1.66 9.16 -40.61
N SER D 19 2.34 9.64 -41.64
CA SER D 19 1.76 10.48 -42.68
C SER D 19 2.11 9.90 -44.04
N GLY D 20 1.32 10.22 -45.04
CA GLY D 20 1.58 9.71 -46.38
C GLY D 20 0.67 8.57 -46.81
N ALA D 21 -0.18 8.09 -45.90
CA ALA D 21 -1.10 7.00 -46.21
C ALA D 21 -2.53 7.47 -46.38
N ASP D 22 -3.15 7.10 -47.49
CA ASP D 22 -4.53 7.46 -47.75
C ASP D 22 -5.39 6.25 -47.45
N LEU D 23 -5.93 6.20 -46.25
CA LEU D 23 -6.74 5.06 -45.85
C LEU D 23 -8.10 5.00 -46.51
N THR D 24 -8.41 5.93 -47.40
CA THR D 24 -9.71 5.88 -48.07
C THR D 24 -9.62 4.94 -49.27
N ARG D 25 -8.41 4.54 -49.64
CA ARG D 25 -8.17 3.64 -50.76
C ARG D 25 -7.20 2.53 -50.34
N PRO D 26 -7.22 1.40 -51.04
CA PRO D 26 -6.32 0.30 -50.67
C PRO D 26 -4.87 0.74 -50.59
N LEU D 27 -4.11 0.17 -49.66
CA LEU D 27 -2.70 0.51 -49.51
C LEU D 27 -1.90 -0.49 -50.32
N SER D 28 -0.81 -0.04 -50.93
CA SER D 28 0.04 -0.92 -51.69
C SER D 28 0.77 -1.81 -50.70
N ASP D 29 1.30 -2.94 -51.16
CA ASP D 29 2.03 -3.86 -50.30
C ASP D 29 3.10 -3.11 -49.54
N ASN D 30 3.81 -2.25 -50.25
CA ASN D 30 4.86 -1.48 -49.62
C ASN D 30 4.37 -0.57 -48.50
N GLN D 31 3.18 0.00 -48.66
CA GLN D 31 2.67 0.89 -47.63
C GLN D 31 2.09 0.13 -46.44
N PHE D 32 1.33 -0.93 -46.70
CA PHE D 32 0.77 -1.70 -45.60
C PHE D 32 1.85 -2.39 -44.76
N GLU D 33 2.90 -2.84 -45.43
CA GLU D 33 4.00 -3.48 -44.75
C GLU D 33 4.73 -2.51 -43.81
N GLN D 34 4.98 -1.29 -44.26
CA GLN D 34 5.66 -0.36 -43.37
C GLN D 34 4.70 0.16 -42.31
N LEU D 35 3.40 0.00 -42.56
CA LEU D 35 2.39 0.41 -41.60
C LEU D 35 2.32 -0.70 -40.55
N TYR D 36 2.26 -1.94 -41.04
CA TYR D 36 2.20 -3.11 -40.19
C TYR D 36 3.42 -3.11 -39.26
N HIS D 37 4.60 -2.98 -39.84
CA HIS D 37 5.82 -2.97 -39.07
C HIS D 37 5.94 -1.79 -38.10
N ALA D 38 5.32 -0.67 -38.42
CA ALA D 38 5.38 0.49 -37.51
C ALA D 38 4.52 0.18 -36.30
N VAL D 39 3.43 -0.55 -36.51
CA VAL D 39 2.56 -0.87 -35.39
C VAL D 39 3.27 -1.81 -34.43
N LEU D 40 4.02 -2.77 -34.96
CA LEU D 40 4.77 -3.70 -34.11
C LEU D 40 5.87 -2.96 -33.39
N ARG D 41 6.56 -2.10 -34.12
CA ARG D 41 7.64 -1.35 -33.52
C ARG D 41 7.12 -0.36 -32.46
N HIS D 42 6.22 0.54 -32.84
CA HIS D 42 5.74 1.54 -31.90
C HIS D 42 4.51 1.18 -31.03
N GLN D 43 3.94 0.01 -31.26
CA GLN D 43 2.81 -0.48 -30.47
C GLN D 43 1.52 0.28 -30.65
N VAL D 44 1.63 1.55 -31.01
CA VAL D 44 0.44 2.35 -31.27
C VAL D 44 0.86 3.49 -32.20
N VAL D 45 0.17 3.60 -33.32
CA VAL D 45 0.46 4.64 -34.31
C VAL D 45 -0.81 5.47 -34.55
N PHE D 46 -0.61 6.73 -34.98
CA PHE D 46 -1.72 7.63 -35.25
C PHE D 46 -1.60 8.20 -36.65
N LEU D 47 -2.74 8.33 -37.32
CA LEU D 47 -2.79 8.89 -38.66
C LEU D 47 -3.88 9.94 -38.63
N ARG D 48 -3.56 11.16 -39.02
CA ARG D 48 -4.55 12.21 -38.98
C ARG D 48 -5.18 12.43 -40.35
N ASP D 49 -6.23 13.24 -40.38
CA ASP D 49 -6.90 13.58 -41.62
C ASP D 49 -7.22 12.38 -42.48
N GLN D 50 -7.95 11.44 -41.89
CA GLN D 50 -8.32 10.21 -42.57
C GLN D 50 -9.83 10.03 -42.46
N ALA D 51 -10.57 10.78 -43.28
CA ALA D 51 -12.02 10.72 -43.29
C ALA D 51 -12.44 9.46 -44.03
N ILE D 52 -12.56 8.37 -43.31
CA ILE D 52 -12.94 7.13 -43.94
C ILE D 52 -14.32 6.69 -43.54
N THR D 53 -14.84 5.73 -44.28
CA THR D 53 -16.17 5.19 -44.04
C THR D 53 -15.97 3.91 -43.26
N PRO D 54 -17.05 3.40 -42.64
CA PRO D 54 -16.89 2.15 -41.88
C PRO D 54 -16.30 1.08 -42.81
N GLN D 55 -16.88 0.94 -43.99
CA GLN D 55 -16.41 -0.04 -44.97
C GLN D 55 -14.91 0.07 -45.18
N GLN D 56 -14.44 1.26 -45.56
CA GLN D 56 -13.02 1.46 -45.79
C GLN D 56 -12.18 1.09 -44.58
N GLN D 57 -12.76 1.29 -43.38
CA GLN D 57 -12.09 0.96 -42.13
C GLN D 57 -12.06 -0.54 -41.98
N ARG D 58 -13.16 -1.20 -42.34
CA ARG D 58 -13.20 -2.65 -42.22
C ARG D 58 -12.18 -3.26 -43.17
N ALA D 59 -12.10 -2.72 -44.37
CA ALA D 59 -11.18 -3.23 -45.37
C ALA D 59 -9.73 -3.13 -44.88
N LEU D 60 -9.44 -2.11 -44.09
CA LEU D 60 -8.09 -1.94 -43.59
C LEU D 60 -7.82 -2.90 -42.45
N ALA D 61 -8.81 -3.12 -41.60
CA ALA D 61 -8.68 -4.02 -40.47
C ALA D 61 -8.58 -5.47 -40.91
N GLN D 62 -9.24 -5.82 -42.00
CA GLN D 62 -9.19 -7.20 -42.47
C GLN D 62 -7.80 -7.62 -42.91
N ARG D 63 -6.93 -6.64 -43.15
CA ARG D 63 -5.57 -6.93 -43.57
C ARG D 63 -4.64 -7.19 -42.39
N PHE D 64 -5.17 -7.09 -41.17
CA PHE D 64 -4.39 -7.35 -39.96
C PHE D 64 -4.87 -8.67 -39.35
N GLY D 65 -6.01 -9.18 -39.80
CA GLY D 65 -6.53 -10.44 -39.27
C GLY D 65 -8.04 -10.49 -39.26
N GLU D 66 -8.59 -11.52 -38.63
CA GLU D 66 -10.05 -11.66 -38.55
C GLU D 66 -10.66 -10.57 -37.68
N LEU D 67 -11.85 -10.13 -38.05
CA LEU D 67 -12.54 -9.09 -37.32
C LEU D 67 -13.69 -9.61 -36.47
N HIS D 68 -13.95 -8.93 -35.37
CA HIS D 68 -15.01 -9.33 -34.46
C HIS D 68 -16.32 -8.61 -34.75
N ILE D 69 -17.41 -9.36 -34.74
CA ILE D 69 -18.74 -8.79 -34.93
C ILE D 69 -19.27 -8.79 -33.51
N HIS D 70 -19.56 -7.60 -32.97
CA HIS D 70 -20.04 -7.54 -31.60
C HIS D 70 -21.55 -7.77 -31.45
N PRO D 71 -21.92 -8.79 -30.65
CA PRO D 71 -23.28 -9.24 -30.33
C PRO D 71 -24.13 -8.19 -29.60
N VAL D 72 -23.47 -7.18 -29.06
CA VAL D 72 -24.18 -6.13 -28.35
C VAL D 72 -23.99 -4.77 -29.00
N TYR D 73 -22.90 -4.08 -28.70
CA TYR D 73 -22.66 -2.75 -29.26
C TYR D 73 -23.22 -2.58 -30.66
N PRO D 74 -23.77 -1.39 -30.95
CA PRO D 74 -24.33 -1.12 -32.28
C PRO D 74 -23.17 -0.99 -33.27
N HIS D 75 -23.46 -1.15 -34.55
CA HIS D 75 -22.43 -1.03 -35.56
C HIS D 75 -22.77 -0.01 -36.64
N ALA D 76 -21.77 0.35 -37.42
CA ALA D 76 -21.92 1.32 -38.49
C ALA D 76 -23.01 0.98 -39.51
N GLU D 77 -23.44 2.02 -40.23
CA GLU D 77 -24.47 1.93 -41.26
C GLU D 77 -24.88 0.49 -41.63
N GLY D 78 -23.98 -0.24 -42.26
CA GLY D 78 -24.29 -1.62 -42.62
C GLY D 78 -23.08 -2.52 -42.51
N VAL D 79 -22.13 -2.12 -41.65
CA VAL D 79 -20.89 -2.86 -41.45
C VAL D 79 -20.79 -3.42 -40.03
N ASP D 80 -21.27 -4.64 -39.82
CA ASP D 80 -21.26 -5.32 -38.52
C ASP D 80 -19.90 -5.40 -37.83
N GLU D 81 -18.82 -5.29 -38.60
CA GLU D 81 -17.48 -5.37 -38.02
C GLU D 81 -17.06 -4.07 -37.34
N ILE D 82 -17.75 -2.97 -37.65
CA ILE D 82 -17.40 -1.68 -37.09
C ILE D 82 -18.31 -1.19 -35.97
N ILE D 83 -17.87 -1.38 -34.73
CA ILE D 83 -18.64 -0.95 -33.56
C ILE D 83 -18.69 0.58 -33.40
N VAL D 84 -19.82 1.07 -32.92
CA VAL D 84 -20.01 2.50 -32.70
C VAL D 84 -19.99 2.77 -31.20
N LEU D 85 -19.03 3.57 -30.75
CA LEU D 85 -18.94 3.92 -29.34
C LEU D 85 -19.45 5.36 -29.18
N ASP D 86 -20.77 5.49 -28.99
CA ASP D 86 -21.43 6.77 -28.84
C ASP D 86 -21.66 7.11 -27.38
N THR D 87 -20.82 7.98 -26.82
CA THR D 87 -20.97 8.35 -25.42
C THR D 87 -21.44 9.78 -25.25
N HIS D 88 -22.22 9.97 -24.18
CA HIS D 88 -22.81 11.25 -23.83
C HIS D 88 -23.49 11.10 -22.47
N ASN D 89 -24.31 12.07 -22.07
CA ASN D 89 -24.98 12.01 -20.78
C ASN D 89 -25.83 10.76 -20.54
N ASP D 90 -26.44 10.23 -21.60
CA ASP D 90 -27.29 9.04 -21.46
C ASP D 90 -26.57 7.73 -21.78
N ASN D 91 -25.25 7.80 -21.83
CA ASN D 91 -24.36 6.66 -22.06
C ASN D 91 -22.97 7.19 -21.74
N PRO D 92 -22.68 7.40 -20.46
CA PRO D 92 -21.40 7.93 -19.98
C PRO D 92 -20.22 7.03 -20.32
N PRO D 93 -19.03 7.63 -20.51
CA PRO D 93 -17.79 6.91 -20.84
C PRO D 93 -17.46 5.94 -19.71
N ASP D 94 -16.95 4.77 -20.05
N ASP D 94 -16.97 4.76 -20.06
CA ASP D 94 -16.59 3.81 -19.03
CA ASP D 94 -16.61 3.75 -19.06
C ASP D 94 -15.26 3.13 -19.33
C ASP D 94 -15.26 3.11 -19.34
N ASN D 95 -14.39 3.82 -20.07
CA ASN D 95 -13.08 3.28 -20.42
C ASN D 95 -11.92 4.06 -19.78
N ASP D 96 -12.24 4.90 -18.81
CA ASP D 96 -11.23 5.69 -18.11
C ASP D 96 -10.65 4.89 -16.95
N ASN D 97 -9.91 3.82 -17.31
CA ASN D 97 -9.25 2.94 -16.35
C ASN D 97 -8.20 2.20 -17.17
N TRP D 98 -7.04 1.92 -16.60
CA TRP D 98 -6.01 1.21 -17.35
C TRP D 98 -6.39 -0.23 -17.63
N HIS D 99 -6.51 -0.56 -18.90
CA HIS D 99 -6.88 -1.92 -19.25
C HIS D 99 -6.36 -2.38 -20.60
N THR D 100 -6.36 -3.69 -20.78
CA THR D 100 -6.00 -4.31 -22.05
C THR D 100 -7.33 -4.94 -22.47
N ASP D 101 -7.72 -4.77 -23.72
CA ASP D 101 -9.01 -5.29 -24.16
C ASP D 101 -9.30 -6.76 -24.02
N VAL D 102 -10.50 -7.04 -23.52
CA VAL D 102 -11.04 -8.38 -23.31
C VAL D 102 -10.00 -9.47 -23.00
N THR D 103 -9.17 -9.26 -21.98
CA THR D 103 -8.19 -10.28 -21.67
C THR D 103 -8.80 -11.43 -20.88
N PHE D 104 -10.09 -11.33 -20.58
CA PHE D 104 -10.76 -12.38 -19.82
C PHE D 104 -11.24 -13.58 -20.65
N ILE D 105 -10.81 -13.65 -21.91
CA ILE D 105 -11.15 -14.79 -22.74
C ILE D 105 -9.85 -15.41 -23.21
N GLU D 106 -9.87 -16.71 -23.47
CA GLU D 106 -8.68 -17.43 -23.88
C GLU D 106 -7.84 -16.75 -24.96
N THR D 107 -8.48 -16.01 -25.86
CA THR D 107 -7.75 -15.33 -26.93
C THR D 107 -8.06 -13.83 -27.03
N PRO D 108 -7.38 -13.01 -26.22
CA PRO D 108 -7.62 -11.56 -26.25
C PRO D 108 -7.27 -10.99 -27.64
N PRO D 109 -8.04 -10.00 -28.12
CA PRO D 109 -7.85 -9.36 -29.42
C PRO D 109 -6.39 -8.94 -29.61
N ALA D 110 -5.88 -9.11 -30.82
CA ALA D 110 -4.49 -8.75 -31.10
C ALA D 110 -4.27 -7.24 -31.27
N GLY D 111 -5.34 -6.49 -31.46
CA GLY D 111 -5.20 -5.07 -31.65
C GLY D 111 -6.51 -4.48 -32.12
N ALA D 112 -6.49 -3.18 -32.43
CA ALA D 112 -7.68 -2.49 -32.88
C ALA D 112 -7.37 -1.26 -33.73
N ILE D 113 -8.39 -0.82 -34.47
CA ILE D 113 -8.32 0.37 -35.29
C ILE D 113 -9.44 1.30 -34.83
N LEU D 114 -9.08 2.45 -34.27
CA LEU D 114 -10.08 3.39 -33.77
C LEU D 114 -10.16 4.66 -34.62
N ALA D 115 -11.36 5.07 -35.00
CA ALA D 115 -11.55 6.27 -35.81
C ALA D 115 -12.43 7.30 -35.10
N ALA D 116 -11.96 8.54 -35.06
CA ALA D 116 -12.71 9.61 -34.41
C ALA D 116 -13.69 10.21 -35.39
N LYS D 117 -14.98 9.92 -35.20
CA LYS D 117 -16.00 10.45 -36.11
C LYS D 117 -16.40 11.86 -35.65
N GLU D 118 -16.84 11.98 -34.39
CA GLU D 118 -17.24 13.28 -33.84
C GLU D 118 -16.63 13.43 -32.44
N LEU D 119 -16.21 14.64 -32.09
CA LEU D 119 -15.56 14.86 -30.81
C LEU D 119 -15.93 16.08 -29.98
N PRO D 120 -15.74 16.00 -28.65
CA PRO D 120 -16.04 17.10 -27.73
C PRO D 120 -15.08 18.21 -28.12
N SER D 121 -15.34 19.44 -27.72
CA SER D 121 -14.43 20.54 -28.10
C SER D 121 -13.05 20.32 -27.47
N THR D 122 -13.01 19.65 -26.34
CA THR D 122 -11.75 19.38 -25.67
C THR D 122 -11.99 18.16 -24.77
N GLY D 123 -10.92 17.48 -24.37
CA GLY D 123 -11.07 16.30 -23.53
C GLY D 123 -11.14 15.03 -24.36
N GLY D 124 -11.26 13.88 -23.69
CA GLY D 124 -11.35 12.61 -24.39
C GLY D 124 -10.01 12.00 -24.76
N ASP D 125 -8.94 12.52 -24.20
CA ASP D 125 -7.61 12.02 -24.49
C ASP D 125 -7.47 10.54 -24.16
N THR D 126 -6.79 9.82 -25.04
CA THR D 126 -6.58 8.41 -24.80
C THR D 126 -5.09 8.19 -24.69
N LEU D 127 -4.70 7.39 -23.70
CA LEU D 127 -3.29 7.09 -23.47
C LEU D 127 -3.02 5.58 -23.56
N TRP D 128 -1.80 5.27 -24.00
CA TRP D 128 -1.37 3.88 -24.11
C TRP D 128 -0.11 3.73 -23.28
N THR D 129 0.03 2.58 -22.64
CA THR D 129 1.23 2.34 -21.85
C THR D 129 1.93 1.08 -22.39
N SER D 130 3.24 1.18 -22.58
CA SER D 130 4.04 0.08 -23.14
C SER D 130 4.40 -1.05 -22.18
N GLY D 131 3.91 -2.25 -22.48
CA GLY D 131 4.20 -3.41 -21.64
C GLY D 131 5.64 -3.86 -21.79
N ILE D 132 6.24 -3.53 -22.93
CA ILE D 132 7.61 -3.87 -23.23
C ILE D 132 8.59 -3.01 -22.39
N ALA D 133 8.42 -1.69 -22.45
CA ALA D 133 9.28 -0.77 -21.73
C ALA D 133 9.15 -1.00 -20.24
N ALA D 134 7.92 -1.22 -19.79
CA ALA D 134 7.66 -1.46 -18.37
C ALA D 134 8.42 -2.69 -17.89
N TYR D 135 8.36 -3.77 -18.67
CA TYR D 135 9.04 -5.01 -18.29
C TYR D 135 10.57 -4.81 -18.20
N GLU D 136 11.11 -4.12 -19.19
CA GLU D 136 12.53 -3.87 -19.25
C GLU D 136 13.00 -2.86 -18.22
N ALA D 137 12.06 -2.14 -17.63
CA ALA D 137 12.44 -1.17 -16.58
C ALA D 137 12.49 -1.89 -15.23
N LEU D 138 12.16 -3.18 -15.21
CA LEU D 138 12.22 -3.96 -13.97
C LEU D 138 13.66 -4.39 -13.75
N SER D 139 14.02 -4.66 -12.51
CA SER D 139 15.37 -5.11 -12.21
C SER D 139 15.44 -6.61 -12.53
N VAL D 140 16.64 -7.11 -12.81
CA VAL D 140 16.79 -8.52 -13.12
C VAL D 140 16.03 -9.43 -12.15
N PRO D 141 16.05 -9.12 -10.84
CA PRO D 141 15.31 -9.98 -9.91
C PRO D 141 13.79 -9.96 -10.09
N PHE D 142 13.26 -8.85 -10.59
CA PHE D 142 11.81 -8.81 -10.77
C PHE D 142 11.45 -9.50 -12.08
N ARG D 143 12.35 -9.39 -13.06
CA ARG D 143 12.13 -10.01 -14.35
C ARG D 143 12.07 -11.53 -14.17
N GLN D 144 13.02 -12.08 -13.40
CA GLN D 144 13.07 -13.51 -13.17
C GLN D 144 11.92 -13.97 -12.29
N LEU D 145 11.41 -13.07 -11.46
CA LEU D 145 10.30 -13.38 -10.57
C LEU D 145 9.00 -13.50 -11.38
N LEU D 146 8.69 -12.45 -12.13
CA LEU D 146 7.47 -12.38 -12.92
C LEU D 146 7.40 -13.27 -14.17
N SER D 147 8.56 -13.66 -14.70
CA SER D 147 8.61 -14.51 -15.89
C SER D 147 8.25 -15.95 -15.58
N GLY D 148 7.12 -16.40 -16.10
CA GLY D 148 6.70 -17.77 -15.86
C GLY D 148 5.49 -17.85 -14.95
N LEU D 149 5.24 -16.78 -14.20
CA LEU D 149 4.08 -16.74 -13.33
C LEU D 149 2.84 -16.55 -14.20
N ARG D 150 1.69 -16.92 -13.66
CA ARG D 150 0.43 -16.81 -14.38
C ARG D 150 -0.53 -15.98 -13.57
N ALA D 151 -1.47 -15.32 -14.23
CA ALA D 151 -2.44 -14.51 -13.51
C ALA D 151 -3.84 -14.81 -13.99
N GLU D 152 -4.79 -14.66 -13.08
CA GLU D 152 -6.18 -14.88 -13.35
C GLU D 152 -6.78 -13.61 -13.93
N HIS D 153 -7.60 -13.77 -14.95
CA HIS D 153 -8.26 -12.64 -15.60
C HIS D 153 -9.75 -12.87 -15.43
N ASP D 154 -10.40 -11.99 -14.67
CA ASP D 154 -11.81 -12.12 -14.36
C ASP D 154 -12.72 -11.01 -14.92
N PHE D 155 -13.86 -11.44 -15.43
CA PHE D 155 -14.87 -10.54 -15.99
C PHE D 155 -15.47 -9.68 -14.87
N ARG D 156 -15.71 -10.31 -13.73
CA ARG D 156 -16.31 -9.64 -12.57
C ARG D 156 -15.50 -8.53 -11.91
N LYS D 157 -14.22 -8.39 -12.28
CA LYS D 157 -13.41 -7.34 -11.68
C LYS D 157 -13.71 -6.01 -12.35
N SER D 158 -14.07 -6.06 -13.63
CA SER D 158 -14.40 -4.83 -14.32
C SER D 158 -15.89 -4.58 -14.18
N PHE D 159 -16.66 -5.66 -14.10
CA PHE D 159 -18.12 -5.55 -13.98
C PHE D 159 -18.58 -6.19 -12.65
N PRO D 160 -18.41 -5.47 -11.53
CA PRO D 160 -18.79 -5.93 -10.19
C PRO D 160 -20.30 -6.14 -10.03
N GLU D 161 -20.66 -7.15 -9.26
CA GLU D 161 -22.05 -7.49 -9.00
C GLU D 161 -22.84 -6.39 -8.32
N TYR D 162 -22.19 -5.62 -7.46
CA TYR D 162 -22.87 -4.57 -6.72
C TYR D 162 -23.40 -3.42 -7.59
N LYS D 163 -22.93 -3.35 -8.83
CA LYS D 163 -23.37 -2.30 -9.75
C LYS D 163 -24.43 -2.85 -10.72
N TYR D 164 -24.80 -4.10 -10.53
CA TYR D 164 -25.82 -4.73 -11.37
C TYR D 164 -26.85 -5.41 -10.49
N ARG D 165 -27.34 -4.66 -9.53
CA ARG D 165 -28.32 -5.17 -8.57
C ARG D 165 -29.61 -4.35 -8.54
N LYS D 166 -29.61 -3.19 -9.19
CA LYS D 166 -30.79 -2.34 -9.21
C LYS D 166 -32.04 -3.17 -9.44
N THR D 167 -32.34 -3.47 -10.71
CA THR D 167 -33.51 -4.29 -11.04
C THR D 167 -33.05 -5.74 -11.02
N GLU D 168 -33.87 -6.63 -10.46
CA GLU D 168 -33.49 -8.03 -10.42
C GLU D 168 -33.29 -8.57 -11.84
N GLU D 169 -33.69 -7.79 -12.83
CA GLU D 169 -33.54 -8.16 -14.23
C GLU D 169 -32.04 -8.15 -14.54
N GLU D 170 -31.45 -6.96 -14.54
N GLU D 170 -31.47 -6.95 -14.47
CA GLU D 170 -30.02 -6.87 -14.81
CA GLU D 170 -30.03 -6.76 -14.71
C GLU D 170 -29.22 -7.31 -13.59
C GLU D 170 -29.27 -7.27 -13.50
N HIS D 171 -29.51 -8.53 -13.14
CA HIS D 171 -28.84 -9.13 -12.00
C HIS D 171 -28.69 -10.60 -12.38
N GLN D 172 -29.57 -11.05 -13.28
CA GLN D 172 -29.53 -12.42 -13.78
C GLN D 172 -28.82 -12.42 -15.12
N ARG D 173 -28.87 -11.29 -15.83
CA ARG D 173 -28.18 -11.17 -17.11
C ARG D 173 -26.71 -10.93 -16.80
N TRP D 174 -26.47 -10.60 -15.53
CA TRP D 174 -25.13 -10.38 -15.01
C TRP D 174 -24.66 -11.80 -14.65
N ARG D 175 -25.50 -12.49 -13.88
CA ARG D 175 -25.21 -13.86 -13.47
C ARG D 175 -24.93 -14.69 -14.72
N GLU D 176 -25.65 -14.36 -15.80
CA GLU D 176 -25.51 -15.07 -17.08
C GLU D 176 -24.17 -14.77 -17.75
N ALA D 177 -23.78 -13.50 -17.75
CA ALA D 177 -22.53 -13.06 -18.34
C ALA D 177 -21.37 -13.73 -17.60
N VAL D 178 -21.44 -13.71 -16.28
CA VAL D 178 -20.43 -14.31 -15.42
C VAL D 178 -20.24 -15.80 -15.68
N ALA D 179 -21.25 -16.44 -16.24
CA ALA D 179 -21.17 -17.87 -16.55
C ALA D 179 -20.54 -18.11 -17.91
N LYS D 180 -20.83 -17.24 -18.87
CA LYS D 180 -20.27 -17.38 -20.22
C LYS D 180 -18.80 -16.93 -20.25
N ASN D 181 -18.32 -16.37 -19.15
CA ASN D 181 -16.94 -15.89 -19.06
C ASN D 181 -16.34 -16.18 -17.69
N PRO D 182 -15.89 -17.43 -17.47
CA PRO D 182 -15.29 -17.80 -16.18
C PRO D 182 -13.85 -17.31 -16.09
N PRO D 183 -13.34 -17.16 -14.87
CA PRO D 183 -11.96 -16.69 -14.66
C PRO D 183 -11.02 -17.63 -15.41
N LEU D 184 -9.96 -17.08 -16.00
CA LEU D 184 -8.99 -17.90 -16.72
C LEU D 184 -7.58 -17.28 -16.62
N LEU D 185 -6.57 -18.06 -17.00
CA LEU D 185 -5.19 -17.62 -16.86
C LEU D 185 -4.41 -17.16 -18.09
N HIS D 186 -3.38 -16.37 -17.83
CA HIS D 186 -2.49 -15.86 -18.85
C HIS D 186 -1.09 -15.63 -18.29
N PRO D 187 -0.08 -15.56 -19.15
CA PRO D 187 1.28 -15.34 -18.67
C PRO D 187 1.35 -13.95 -18.03
N VAL D 188 2.14 -13.80 -16.98
CA VAL D 188 2.29 -12.49 -16.36
C VAL D 188 3.24 -11.72 -17.27
N VAL D 189 4.10 -12.44 -17.98
CA VAL D 189 5.05 -11.86 -18.90
C VAL D 189 4.77 -12.54 -20.23
N ARG D 190 4.22 -11.79 -21.17
CA ARG D 190 3.87 -12.34 -22.47
C ARG D 190 4.90 -12.13 -23.54
N THR D 191 5.21 -13.21 -24.25
CA THR D 191 6.18 -13.14 -25.33
C THR D 191 5.42 -12.80 -26.60
N HIS D 192 5.72 -11.65 -27.20
CA HIS D 192 5.02 -11.23 -28.42
C HIS D 192 5.22 -12.30 -29.48
N PRO D 193 4.11 -12.82 -30.04
CA PRO D 193 4.04 -13.86 -31.07
C PRO D 193 4.90 -13.57 -32.29
N VAL D 194 5.18 -12.30 -32.55
CA VAL D 194 5.95 -11.95 -33.73
C VAL D 194 7.36 -11.46 -33.45
N SER D 195 7.49 -10.49 -32.56
CA SER D 195 8.81 -9.94 -32.26
C SER D 195 9.57 -10.77 -31.24
N GLY D 196 8.85 -11.53 -30.42
CA GLY D 196 9.51 -12.30 -29.40
C GLY D 196 9.97 -11.44 -28.24
N LYS D 197 9.50 -10.19 -28.21
CA LYS D 197 9.86 -9.29 -27.13
C LYS D 197 9.00 -9.65 -25.93
N GLN D 198 9.58 -9.56 -24.74
CA GLN D 198 8.87 -9.89 -23.51
C GLN D 198 8.15 -8.63 -23.02
N ALA D 199 7.00 -8.81 -22.38
CA ALA D 199 6.22 -7.67 -21.92
C ALA D 199 5.31 -8.02 -20.76
N LEU D 200 5.10 -7.05 -19.86
CA LEU D 200 4.21 -7.27 -18.73
C LEU D 200 2.81 -7.40 -19.35
N PHE D 201 2.06 -8.40 -18.90
CA PHE D 201 0.74 -8.63 -19.44
C PHE D 201 -0.36 -8.79 -18.40
N VAL D 202 -0.42 -7.81 -17.50
CA VAL D 202 -1.46 -7.74 -16.49
C VAL D 202 -2.04 -6.36 -16.72
N ASN D 203 -3.28 -6.14 -16.29
CA ASN D 203 -3.91 -4.84 -16.44
C ASN D 203 -4.92 -4.82 -15.32
N GLU D 204 -5.08 -3.69 -14.64
CA GLU D 204 -6.00 -3.71 -13.51
C GLU D 204 -7.47 -3.74 -13.87
N GLY D 205 -7.78 -3.74 -15.16
CA GLY D 205 -9.17 -3.82 -15.54
C GLY D 205 -9.70 -5.24 -15.33
N PHE D 206 -8.86 -6.24 -15.62
CA PHE D 206 -9.28 -7.64 -15.49
C PHE D 206 -8.47 -8.58 -14.61
N THR D 207 -7.16 -8.34 -14.48
CA THR D 207 -6.31 -9.21 -13.66
C THR D 207 -6.68 -9.13 -12.19
N THR D 208 -7.00 -10.27 -11.59
CA THR D 208 -7.37 -10.29 -10.20
C THR D 208 -6.25 -10.79 -9.29
N ARG D 209 -5.33 -11.59 -9.84
CA ARG D 209 -4.23 -12.09 -9.03
C ARG D 209 -3.29 -13.06 -9.72
N ILE D 210 -2.07 -13.15 -9.19
CA ILE D 210 -1.03 -14.04 -9.67
C ILE D 210 -1.33 -15.34 -8.93
N VAL D 211 -1.58 -16.43 -9.64
CA VAL D 211 -1.91 -17.67 -8.94
C VAL D 211 -0.69 -18.43 -8.45
N ASP D 212 0.45 -18.18 -9.07
CA ASP D 212 1.71 -18.84 -8.71
C ASP D 212 2.42 -18.37 -7.43
N VAL D 213 1.78 -17.47 -6.68
CA VAL D 213 2.35 -17.00 -5.42
C VAL D 213 1.20 -16.89 -4.42
N SER D 214 1.49 -16.53 -3.18
CA SER D 214 0.45 -16.41 -2.15
C SER D 214 -0.50 -15.25 -2.41
N GLU D 215 -1.65 -15.24 -1.75
CA GLU D 215 -2.60 -14.17 -1.93
C GLU D 215 -2.01 -12.80 -1.58
N LYS D 216 -1.37 -12.72 -0.42
CA LYS D 216 -0.75 -11.47 0.00
C LYS D 216 0.38 -11.06 -0.95
N GLU D 217 1.19 -12.02 -1.36
CA GLU D 217 2.30 -11.75 -2.27
C GLU D 217 1.75 -11.19 -3.60
N SER D 218 0.60 -11.74 -4.02
CA SER D 218 -0.03 -11.33 -5.26
C SER D 218 -0.50 -9.90 -5.13
N GLU D 219 -1.17 -9.61 -4.02
CA GLU D 219 -1.66 -8.26 -3.78
C GLU D 219 -0.55 -7.22 -3.78
N ALA D 220 0.61 -7.58 -3.24
CA ALA D 220 1.74 -6.67 -3.19
C ALA D 220 2.34 -6.47 -4.56
N LEU D 221 2.43 -7.57 -5.32
CA LEU D 221 3.01 -7.53 -6.64
C LEU D 221 2.16 -6.74 -7.60
N LEU D 222 0.86 -7.01 -7.59
CA LEU D 222 -0.06 -6.31 -8.47
C LEU D 222 -0.19 -4.84 -8.09
N SER D 223 -0.15 -4.56 -6.79
CA SER D 223 -0.23 -3.20 -6.31
C SER D 223 0.93 -2.47 -6.95
N PHE D 224 2.08 -3.13 -6.95
CA PHE D 224 3.29 -2.56 -7.53
C PHE D 224 3.16 -2.44 -9.05
N LEU D 225 2.81 -3.53 -9.71
CA LEU D 225 2.69 -3.52 -11.17
C LEU D 225 1.62 -2.56 -11.70
N PHE D 226 0.47 -2.48 -11.05
CA PHE D 226 -0.57 -1.56 -11.52
C PHE D 226 -0.07 -0.12 -11.45
N ALA D 227 0.89 0.15 -10.59
CA ALA D 227 1.45 1.51 -10.47
C ALA D 227 2.59 1.68 -11.45
N HIS D 228 3.49 0.69 -11.47
CA HIS D 228 4.66 0.72 -12.32
C HIS D 228 4.33 0.98 -13.79
N ILE D 229 3.22 0.41 -14.27
CA ILE D 229 2.83 0.59 -15.65
C ILE D 229 2.20 1.96 -15.91
N THR D 230 1.79 2.68 -14.85
CA THR D 230 1.19 4.00 -15.06
C THR D 230 2.26 5.11 -15.09
N LYS D 231 3.53 4.69 -14.99
CA LYS D 231 4.65 5.63 -15.02
C LYS D 231 4.61 6.37 -16.36
N PRO D 232 4.85 7.69 -16.33
CA PRO D 232 4.84 8.53 -17.54
C PRO D 232 5.75 8.05 -18.66
N GLU D 233 6.96 7.61 -18.33
CA GLU D 233 7.90 7.15 -19.36
C GLU D 233 7.40 6.02 -20.26
N PHE D 234 6.49 5.21 -19.75
CA PHE D 234 6.00 4.09 -20.54
C PHE D 234 4.73 4.42 -21.32
N GLN D 235 4.35 5.70 -21.35
CA GLN D 235 3.12 6.08 -22.05
C GLN D 235 3.27 7.03 -23.22
N VAL D 236 2.16 7.19 -23.92
CA VAL D 236 2.01 8.11 -25.03
C VAL D 236 0.56 8.60 -24.84
N ARG D 237 0.35 9.90 -24.99
CA ARG D 237 -0.99 10.46 -24.82
C ARG D 237 -1.43 11.09 -26.13
N TRP D 238 -2.67 10.85 -26.50
CA TRP D 238 -3.15 11.39 -27.75
C TRP D 238 -4.33 12.34 -27.62
N ARG D 239 -4.21 13.52 -28.21
CA ARG D 239 -5.32 14.48 -28.18
C ARG D 239 -5.99 14.30 -29.53
N TRP D 240 -7.23 13.85 -29.52
CA TRP D 240 -7.96 13.59 -30.74
C TRP D 240 -8.37 14.78 -31.59
N GLN D 241 -8.47 14.51 -32.88
CA GLN D 241 -8.92 15.47 -33.86
C GLN D 241 -9.92 14.68 -34.70
N PRO D 242 -10.99 15.33 -35.18
CA PRO D 242 -11.95 14.55 -35.98
C PRO D 242 -11.20 13.90 -37.14
N ASN D 243 -11.54 12.65 -37.42
CA ASN D 243 -10.93 11.87 -38.50
C ASN D 243 -9.57 11.24 -38.22
N ASP D 244 -9.17 11.24 -36.95
CA ASP D 244 -7.91 10.62 -36.54
C ASP D 244 -8.13 9.12 -36.61
N ILE D 245 -7.06 8.37 -36.79
CA ILE D 245 -7.15 6.92 -36.81
C ILE D 245 -6.04 6.47 -35.89
N ALA D 246 -6.34 5.54 -35.01
CA ALA D 246 -5.35 4.99 -34.10
C ALA D 246 -5.33 3.49 -34.29
N ILE D 247 -4.13 2.94 -34.49
CA ILE D 247 -3.98 1.51 -34.67
C ILE D 247 -3.04 1.02 -33.59
N TRP D 248 -3.48 0.08 -32.77
CA TRP D 248 -2.60 -0.42 -31.72
C TRP D 248 -2.51 -1.92 -31.56
N ASP D 249 -1.43 -2.35 -30.93
CA ASP D 249 -1.17 -3.75 -30.67
C ASP D 249 -1.61 -4.05 -29.24
N ASN D 250 -2.82 -4.60 -29.08
CA ASN D 250 -3.42 -4.94 -27.79
C ASN D 250 -2.74 -6.12 -27.12
N ARG D 251 -1.69 -6.64 -27.76
CA ARG D 251 -0.99 -7.78 -27.21
C ARG D 251 0.05 -7.41 -26.18
N VAL D 252 0.56 -6.18 -26.28
CA VAL D 252 1.60 -5.76 -25.35
C VAL D 252 1.45 -4.36 -24.74
N THR D 253 0.24 -3.81 -24.78
CA THR D 253 0.01 -2.49 -24.21
C THR D 253 -1.26 -2.47 -23.39
N GLN D 254 -1.57 -1.30 -22.88
CA GLN D 254 -2.80 -1.04 -22.12
C GLN D 254 -3.14 0.36 -22.57
N HIS D 255 -4.40 0.73 -22.44
CA HIS D 255 -4.82 2.08 -22.81
C HIS D 255 -5.83 2.64 -21.82
N TYR D 256 -5.99 3.96 -21.82
CA TYR D 256 -6.85 4.66 -20.87
C TYR D 256 -7.53 5.80 -21.63
N ALA D 257 -8.85 5.87 -21.56
CA ALA D 257 -9.60 6.93 -22.26
C ALA D 257 -10.26 7.88 -21.26
N ASN D 258 -9.81 9.12 -21.23
CA ASN D 258 -10.35 10.10 -20.30
C ASN D 258 -11.86 10.35 -20.41
N ALA D 259 -12.53 10.29 -19.27
CA ALA D 259 -13.97 10.53 -19.21
C ALA D 259 -14.13 11.90 -18.51
N ASP D 260 -13.78 12.95 -19.24
CA ASP D 260 -13.81 14.30 -18.72
C ASP D 260 -14.40 15.29 -19.72
N TYR D 261 -15.38 14.86 -20.52
CA TYR D 261 -15.96 15.76 -21.52
C TYR D 261 -17.48 15.93 -21.52
N LEU D 262 -18.18 15.19 -20.69
CA LEU D 262 -19.62 15.35 -20.63
C LEU D 262 -19.85 16.80 -20.21
N PRO D 263 -21.01 17.38 -20.56
CA PRO D 263 -22.10 16.75 -21.32
C PRO D 263 -21.92 16.71 -22.82
N GLN D 264 -20.72 16.97 -23.32
CA GLN D 264 -20.53 16.92 -24.76
C GLN D 264 -20.59 15.48 -25.24
N ARG D 265 -20.85 15.32 -26.54
CA ARG D 265 -20.98 14.00 -27.16
C ARG D 265 -19.70 13.56 -27.90
N ARG D 266 -19.39 12.27 -27.82
CA ARG D 266 -18.19 11.73 -28.47
C ARG D 266 -18.52 10.43 -29.20
N ILE D 267 -18.22 10.39 -30.51
CA ILE D 267 -18.49 9.17 -31.28
C ILE D 267 -17.28 8.59 -32.01
N MET D 268 -16.93 7.36 -31.67
CA MET D 268 -15.80 6.68 -32.28
C MET D 268 -16.30 5.42 -33.00
N HIS D 269 -15.57 4.96 -34.00
CA HIS D 269 -15.92 3.75 -34.73
C HIS D 269 -14.74 2.82 -34.52
N ARG D 270 -15.01 1.59 -34.12
CA ARG D 270 -13.92 0.68 -33.89
C ARG D 270 -13.97 -0.67 -34.60
N ALA D 271 -12.78 -1.14 -34.97
CA ALA D 271 -12.62 -2.43 -35.60
C ALA D 271 -11.76 -3.23 -34.62
N THR D 272 -12.22 -4.41 -34.24
CA THR D 272 -11.49 -5.27 -33.31
C THR D 272 -10.84 -6.44 -34.05
N ILE D 273 -9.55 -6.62 -33.85
CA ILE D 273 -8.78 -7.68 -34.50
C ILE D 273 -8.55 -8.85 -33.54
N LEU D 274 -9.13 -10.01 -33.86
CA LEU D 274 -9.00 -11.18 -33.00
C LEU D 274 -7.57 -11.64 -32.86
N GLY D 275 -7.19 -11.99 -31.64
CA GLY D 275 -5.83 -12.43 -31.43
C GLY D 275 -5.68 -13.92 -31.15
N ASP D 276 -4.43 -14.38 -31.12
CA ASP D 276 -4.14 -15.78 -30.84
C ASP D 276 -4.03 -15.97 -29.32
N LYS D 277 -3.57 -17.14 -28.90
CA LYS D 277 -3.41 -17.50 -27.48
C LYS D 277 -2.17 -16.81 -26.87
N PRO D 278 -2.32 -16.14 -25.71
CA PRO D 278 -1.15 -15.49 -25.10
C PRO D 278 -0.21 -16.52 -24.44
N PHE D 279 1.09 -16.41 -24.70
CA PHE D 279 2.02 -17.35 -24.11
C PHE D 279 3.33 -16.71 -23.70
N TYR D 280 4.09 -17.43 -22.89
CA TYR D 280 5.41 -16.99 -22.44
C TYR D 280 6.40 -18.07 -22.85
N ARG D 281 7.51 -17.64 -23.43
CA ARG D 281 8.55 -18.56 -23.85
C ARG D 281 9.88 -17.87 -23.57
N ALA D 282 10.67 -18.46 -22.69
CA ALA D 282 11.97 -17.90 -22.31
C ALA D 282 12.92 -17.70 -23.50
FE FE2 E . 14.79 -4.84 21.46
C1 TAU F . 16.24 -0.29 18.68
C2 TAU F . 16.61 -1.12 19.89
N1 TAU F . 14.93 0.04 18.73
S TAU F . 18.31 -1.76 19.85
O1 TAU F . 18.71 -2.24 21.21
O2 TAU F . 18.38 -2.89 18.86
O3 TAU F . 19.25 -0.66 19.42
C1 AKG G . 14.92 -4.69 24.01
O1 AKG G . 15.56 -4.90 23.00
O2 AKG G . 15.43 -4.75 25.13
C2 AKG G . 13.40 -4.32 23.89
O5 AKG G . 12.86 -4.25 22.78
C3 AKG G . 12.61 -4.05 25.10
C4 AKG G . 11.82 -5.31 25.48
C5 AKG G . 11.00 -5.05 26.72
O3 AKG G . 11.01 -3.97 27.29
O4 AKG G . 10.30 -5.94 27.17
FE FE2 H . -15.26 -16.27 14.73
C1 TAU I . -16.12 -17.15 10.58
C2 TAU I . -17.21 -16.09 10.53
N1 TAU I . -15.22 -16.93 9.60
S TAU I . -18.82 -16.72 11.10
O1 TAU I . -18.73 -17.18 12.52
O2 TAU I . -19.83 -15.61 11.01
O3 TAU I . -19.25 -17.87 10.24
C1 AKG J . -15.20 -18.67 16.30
O1 AKG J . -15.94 -17.77 15.97
O2 AKG J . -15.44 -19.43 17.22
C2 AKG J . -13.86 -18.86 15.49
O5 AKG J . -13.60 -18.11 14.56
C3 AKG J . -12.92 -19.95 15.85
C4 AKG J . -12.28 -19.66 17.20
C5 AKG J . -11.30 -20.74 17.60
O3 AKG J . -11.09 -21.70 16.86
O4 AKG J . -10.73 -20.65 18.65
FE FE2 K . 10.39 21.37 -11.32
C1 TAU L . 12.83 19.55 -7.00
C2 TAU L . 13.32 20.60 -7.96
N1 TAU L . 12.81 18.36 -7.61
S TAU L . 13.23 22.29 -7.31
O1 TAU L . 13.68 23.29 -8.32
O2 TAU L . 11.81 22.57 -6.96
O3 TAU L . 14.09 22.39 -6.07
C1 AKG M . 11.91 22.09 -13.46
O1 AKG M . 11.44 22.49 -12.43
O2 AKG M . 12.50 22.83 -14.23
C2 AKG M . 11.76 20.58 -13.85
O5 AKG M . 11.17 19.79 -13.09
C3 AKG M . 12.33 20.09 -15.11
C4 AKG M . 11.31 20.33 -16.23
C5 AKG M . 11.84 19.86 -17.54
O3 AKG M . 12.95 19.37 -17.63
O4 AKG M . 11.17 19.97 -18.53
FE FE2 N . -10.43 -0.55 -24.43
C1 AKG O . -11.37 1.00 -26.59
O1 AKG O . -10.90 -0.08 -26.29
O2 AKG O . -11.79 1.26 -27.71
C2 AKG O . -11.42 2.09 -25.49
O5 AKG O . -10.99 1.85 -24.36
C3 AKG O . -11.97 3.42 -25.81
C4 AKG O . -10.89 4.29 -26.44
C5 AKG O . -11.46 5.66 -26.77
O3 AKG O . -12.63 5.94 -26.55
O4 AKG O . -10.75 6.49 -27.27
#